data_6WHA
#
_entry.id   6WHA
#
_cell.length_a   1.00
_cell.length_b   1.00
_cell.length_c   1.00
_cell.angle_alpha   90.00
_cell.angle_beta   90.00
_cell.angle_gamma   90.00
#
_symmetry.space_group_name_H-M   'P 1'
#
loop_
_entity.id
_entity.type
_entity.pdbx_description
1 polymer 'Soluble cytochrome b562,5-hydroxytryptamine receptor 2A chimera'
2 polymer 'G subunit q (Gi2-mini-Gq chimeric)'
3 polymer 'Guanine nucleotide-binding protein G(I)/G(S)/G(T) subunit beta-1'
4 polymer 'Guanine nucleotide-binding protein G(I)/G(S)/G(O) subunit gamma-2'
5 polymer 'single Fab chain (svFv16)'
6 non-polymer 4-(2-{[(2-hydroxyphenyl)methyl]amino}ethyl)-2,5-dimethoxybenzonitrile
#
loop_
_entity_poly.entity_id
_entity_poly.type
_entity_poly.pdbx_seq_one_letter_code
_entity_poly.pdbx_strand_id
1 'polypeptide(L)'
;MKTIIALSYIFCLVFADYKDDDDAKLQTMHHHHHHHHHHENLYFQGGTTMADLEDNWETLNDNLKVIEKADNAAQVKDAL
TKMRAAALDAQKATPPKLEDKSPDSPEMKDFRHGFDILVGQIDDALKLANEGKVKEAQAAAEQLKTTRNAYIQKYLGSLS
LLHLQEKNWSALLTAVVIILTIAGNILVIMAVSLEKKLQNATNYFLMSLAIADMLLGFLVMPVSMLTILYGYRWPLPSKL
CAVWIYLDVLFSTASIMHLCAISLDRYVAIQNPIHHSRFNSRTKAFLKIIAVWTISVGISMPIPVFGLQDDSKVFKEGSC
LLADDNFVLIGSFVSFFIPLTIMVITYFLTIKSLQKEATLCVSDLGTRAKLASFSFLPQSSLSSEKLFQRSIHREPGSYT
GRRTMQSISNEQKACKVLGIVFFLFVVMWCPFFITNIMAVICKESCNEDVIGALLNVFVWIGYLSSAVNPLVYTLFNKTY
RSAFSRYIQCQYKENKK
;
A
2 'polypeptide(L)'
;MGSTVSAEDKAAAERSKMIDKNLREDGEKARRTLRLLLLGADNSGKSTIVKQMRILHGGSGGSGGTSGIFETKFQVDKVN
FHMFDVGGQRDERRKWIQCFNDVTAIIFVVDSSDYNRLQEALNDFKSIWNNRWLRTISVILFLNKQDLLAEKVLAGKSKI
EDYFPEFARYTTPEDATPEPGEDPRVTRAKYFIRKEFVDISTASGDGRHICYPHFTCAVDTENARRIFNDCKDIILQMNL
REYNLV
;
B
3 'polypeptide(L)'
;MHHHHHHLEVLFQGPGSSGSELDQLRQEAEQLKNQIRDARKACADATLSQITNNIDPVGRIQMRTRRTLRGHLAKIYAMH
WGTDSRLLVSASQDGKLIIWDSYTTNKVHAIPLRSSWVMTCAYAPSGNYVACGGLDNICSIYNLKTREGNVRVSRELAGH
TGYLSCCRFLDDNQIVTSSGDTTCALWDIETGQQTTTFTGHTGDVMSLSLAPDTRLFVSGACDASAKLWDVREGMCRQTF
TGHESDINAICFFPNGNAFATGSDDATCRLFDLRADQELMTYSHDNIICGITSVSFSKSGRLLLAGYDDFNCNVWDALKA
DRAGVLAGHDNRVSCLGVTDDGMAVATGSWDSFLKIWN
;
C
4 'polypeptide(L)' MASNNTASIAQARKLVEQLKMEANIDRIKVSKAAADLMAYCEAHAKEDPLLTPVPASENPFREKKFFCAIL D
5 'polypeptide(L)'
;DVQLVESGGGLVQPGGSRKLSCSASGFAFSSFGMHWVRQAPEKGLEWVAYISSGSGTIYYADTVKGRFTISRDDPKNTLF
LQMTSLRSEDTAMYYCVRSIYYYGSSPFDFWGQGTTLTVSSGGGGSGGGGSGGGGSDIVMTQATSSVPVTPGESVSISCR
SSKSLLHSNGNTYLYWFLQRPGQSPQLLIYRMSNLASGVPDRFSGSGSGTAFTLTISRLEAEDVGVYYCMQHLEYPLTFG
AGTKLELKAAALEVLFQGPHHHHHHHH
;
E
#
# COMPACT_ATOMS: atom_id res chain seq x y z
N VAL A 177 -0.07 18.67 44.29
CA VAL A 177 -1.11 17.98 43.53
C VAL A 177 -1.19 18.53 42.11
N ILE A 178 -1.22 19.86 41.99
CA ILE A 178 -1.34 20.47 40.66
C ILE A 178 -0.16 20.10 39.79
N ILE A 179 1.06 20.21 40.34
CA ILE A 179 2.26 19.93 39.55
C ILE A 179 2.27 18.47 39.11
N LEU A 180 1.96 17.56 40.02
CA LEU A 180 1.96 16.14 39.67
C LEU A 180 0.95 15.84 38.58
N THR A 181 -0.27 16.37 38.70
CA THR A 181 -1.29 16.11 37.70
C THR A 181 -0.86 16.61 36.33
N ILE A 182 -0.39 17.87 36.27
CA ILE A 182 -0.03 18.45 34.98
C ILE A 182 1.13 17.68 34.37
N ALA A 183 2.14 17.36 35.16
CA ALA A 183 3.31 16.67 34.63
C ALA A 183 2.97 15.28 34.12
N GLY A 184 2.17 14.51 34.88
CA GLY A 184 1.80 13.18 34.41
C GLY A 184 1.01 13.21 33.11
N ASN A 185 0.00 14.09 33.04
CA ASN A 185 -0.80 14.15 31.83
C ASN A 185 0.04 14.58 30.63
N ILE A 186 0.87 15.61 30.83
CA ILE A 186 1.74 16.17 29.75
C ILE A 186 2.73 15.11 29.25
N LEU A 187 3.44 14.45 30.16
CA LEU A 187 4.47 13.45 29.77
C LEU A 187 3.83 12.28 29.01
N VAL A 188 2.69 11.78 29.48
CA VAL A 188 2.01 10.62 28.82
C VAL A 188 1.56 11.03 27.40
N ILE A 189 1.01 12.23 27.25
CA ILE A 189 0.52 12.70 25.93
C ILE A 189 1.69 12.81 24.95
N MET A 190 2.83 13.36 25.41
CA MET A 190 4.02 13.53 24.54
C MET A 190 4.56 12.17 24.09
N ALA A 191 4.66 11.21 25.03
CA ALA A 191 5.21 9.87 24.71
C ALA A 191 4.32 9.14 23.69
N VAL A 192 3.00 9.17 23.89
CA VAL A 192 2.05 8.49 22.95
C VAL A 192 2.15 9.15 21.58
N LEU A 198 3.89 3.09 19.20
CA LEU A 198 2.89 2.96 20.26
C LEU A 198 1.56 3.61 19.88
N GLN A 199 1.38 3.99 18.62
CA GLN A 199 0.14 4.60 18.15
C GLN A 199 -0.88 3.55 17.73
N ASN A 200 -1.15 2.62 18.64
CA ASN A 200 -2.11 1.56 18.36
C ASN A 200 -3.50 2.17 18.17
N ALA A 201 -4.45 1.33 17.76
CA ALA A 201 -5.81 1.81 17.58
C ALA A 201 -6.53 2.09 18.88
N THR A 202 -5.92 1.82 20.03
CA THR A 202 -6.53 2.07 21.33
C THR A 202 -6.02 3.36 21.98
N ASN A 203 -4.70 3.60 21.99
CA ASN A 203 -4.11 4.65 22.83
C ASN A 203 -4.57 6.07 22.46
N TYR A 204 -5.30 6.26 21.37
CA TYR A 204 -5.95 7.55 21.16
C TYR A 204 -6.94 7.84 22.27
N PHE A 205 -7.56 6.76 22.76
CA PHE A 205 -8.53 6.86 23.90
C PHE A 205 -7.75 7.33 25.14
N LEU A 206 -6.54 6.79 25.33
CA LEU A 206 -5.72 7.21 26.46
C LEU A 206 -5.34 8.69 26.37
N MET A 207 -4.98 9.15 25.17
CA MET A 207 -4.67 10.56 24.99
C MET A 207 -5.89 11.43 25.29
N SER A 208 -7.08 11.00 24.88
CA SER A 208 -8.28 11.78 25.14
C SER A 208 -8.52 11.92 26.64
N LEU A 209 -8.42 10.81 27.37
CA LEU A 209 -8.63 10.87 28.82
C LEU A 209 -7.59 11.78 29.46
N ALA A 210 -6.34 11.70 28.99
CA ALA A 210 -5.30 12.56 29.54
C ALA A 210 -5.65 14.02 29.29
N ILE A 211 -6.18 14.34 28.11
CA ILE A 211 -6.57 15.71 27.79
C ILE A 211 -7.63 16.22 28.75
N ALA A 212 -8.63 15.40 29.04
CA ALA A 212 -9.67 15.84 29.98
C ALA A 212 -9.10 16.09 31.36
N ASP A 213 -8.23 15.19 31.83
CA ASP A 213 -7.64 15.40 33.16
C ASP A 213 -6.77 16.65 33.18
N MET A 214 -6.01 16.90 32.10
CA MET A 214 -5.17 18.09 32.06
C MET A 214 -6.02 19.34 32.12
N LEU A 215 -7.17 19.33 31.43
CA LEU A 215 -8.08 20.52 31.41
C LEU A 215 -8.59 20.83 32.81
N LEU A 216 -9.00 19.80 33.58
CA LEU A 216 -9.52 20.03 34.95
C LEU A 216 -8.43 20.67 35.81
N GLY A 217 -7.20 20.19 35.70
CA GLY A 217 -6.07 20.74 36.48
C GLY A 217 -5.76 22.18 36.14
N PHE A 218 -5.77 22.51 34.84
CA PHE A 218 -5.43 23.88 34.37
C PHE A 218 -6.41 24.94 34.89
N LEU A 219 -7.72 24.67 34.85
CA LEU A 219 -8.71 25.70 35.25
C LEU A 219 -9.28 25.48 36.67
N VAL A 220 -9.75 24.28 36.98
CA VAL A 220 -10.40 24.00 38.30
C VAL A 220 -9.44 24.06 39.50
N MET A 221 -8.22 23.53 39.37
CA MET A 221 -7.30 23.47 40.54
C MET A 221 -6.92 24.86 41.08
N PRO A 222 -6.55 25.85 40.24
CA PRO A 222 -6.16 27.17 40.74
C PRO A 222 -7.28 27.90 41.49
N VAL A 223 -8.51 27.82 40.98
CA VAL A 223 -9.67 28.51 41.61
C VAL A 223 -9.90 27.93 43.01
N SER A 224 -10.21 26.63 43.10
CA SER A 224 -10.48 25.96 44.36
C SER A 224 -9.41 26.27 45.40
N MET A 225 -8.16 26.40 44.95
CA MET A 225 -7.04 26.69 45.88
C MET A 225 -7.28 28.05 46.56
N LEU A 226 -7.66 29.06 45.77
CA LEU A 226 -7.89 30.43 46.29
C LEU A 226 -9.05 30.42 47.30
N THR A 227 -10.11 29.66 47.02
CA THR A 227 -11.30 29.63 47.92
C THR A 227 -10.88 29.09 49.30
N ILE A 228 -10.05 28.05 49.33
CA ILE A 228 -9.60 27.47 50.63
C ILE A 228 -8.79 28.53 51.39
N LEU A 229 -7.92 29.24 50.67
CA LEU A 229 -7.06 30.30 51.27
C LEU A 229 -7.95 31.45 51.77
N TYR A 230 -8.94 31.85 50.97
CA TYR A 230 -9.83 32.98 51.34
C TYR A 230 -10.83 32.54 52.43
N GLY A 231 -10.70 31.31 52.94
CA GLY A 231 -11.64 30.86 53.98
C GLY A 231 -13.09 30.95 53.54
N TYR A 232 -13.39 30.41 52.34
CA TYR A 232 -14.74 30.35 51.70
C TYR A 232 -15.18 31.70 51.13
N ARG A 233 -14.24 32.64 50.97
CA ARG A 233 -14.55 33.99 50.38
C ARG A 233 -14.64 33.87 48.85
N TRP A 234 -15.19 34.90 48.19
CA TRP A 234 -15.34 34.88 46.72
C TRP A 234 -14.71 36.13 46.11
N PRO A 235 -13.36 36.21 46.03
CA PRO A 235 -12.66 37.37 45.47
C PRO A 235 -12.96 37.62 43.99
N SER A 238 -18.52 38.11 40.39
CA SER A 238 -19.78 37.31 40.40
C SER A 238 -19.98 36.55 39.08
N LYS A 239 -19.88 37.22 37.93
CA LYS A 239 -20.13 36.57 36.65
C LYS A 239 -19.28 35.32 36.46
N LEU A 240 -18.18 35.19 37.19
CA LEU A 240 -17.32 34.02 37.06
C LEU A 240 -17.75 32.84 37.93
N CYS A 241 -18.75 33.00 38.81
CA CYS A 241 -19.11 31.90 39.70
C CYS A 241 -19.92 30.84 38.97
N ALA A 242 -21.12 31.23 38.53
CA ALA A 242 -22.07 30.33 37.82
C ALA A 242 -21.37 29.53 36.73
N VAL A 243 -20.56 30.20 35.89
CA VAL A 243 -19.85 29.53 34.77
C VAL A 243 -18.87 28.48 35.31
N TRP A 244 -18.18 28.81 36.40
CA TRP A 244 -17.16 27.88 37.00
C TRP A 244 -17.79 26.57 37.45
N ILE A 245 -18.98 26.62 38.07
CA ILE A 245 -19.65 25.38 38.58
C ILE A 245 -19.98 24.44 37.42
N TYR A 246 -20.46 24.98 36.30
CA TYR A 246 -20.84 24.16 35.13
C TYR A 246 -19.60 23.51 34.50
N LEU A 247 -18.58 24.32 34.22
CA LEU A 247 -17.30 23.88 33.59
C LEU A 247 -16.78 22.64 34.33
N ASP A 248 -16.70 22.69 35.66
CA ASP A 248 -16.17 21.58 36.48
C ASP A 248 -17.04 20.32 36.32
N VAL A 249 -18.37 20.48 36.30
CA VAL A 249 -19.29 19.32 36.18
C VAL A 249 -19.04 18.59 34.84
N LEU A 250 -18.85 19.35 33.76
CA LEU A 250 -18.62 18.76 32.42
C LEU A 250 -17.35 17.90 32.42
N PHE A 251 -16.28 18.40 33.06
CA PHE A 251 -14.99 17.67 33.10
C PHE A 251 -15.14 16.35 33.87
N SER A 252 -15.53 16.44 35.14
CA SER A 252 -15.67 15.23 36.01
C SER A 252 -16.51 14.15 35.33
N THR A 253 -17.63 14.54 34.70
CA THR A 253 -18.54 13.56 34.06
C THR A 253 -17.84 12.84 32.90
N ALA A 254 -17.09 13.57 32.08
CA ALA A 254 -16.39 12.96 30.92
C ALA A 254 -15.36 11.94 31.40
N SER A 255 -14.62 12.30 32.46
CA SER A 255 -13.54 11.43 33.01
C SER A 255 -14.07 10.03 33.36
N ILE A 256 -15.09 9.94 34.20
CA ILE A 256 -15.62 8.65 34.64
C ILE A 256 -16.24 7.90 33.48
N MET A 257 -16.87 8.64 32.56
CA MET A 257 -17.52 8.02 31.36
C MET A 257 -16.45 7.30 30.54
N HIS A 258 -15.25 7.86 30.46
CA HIS A 258 -14.14 7.23 29.69
C HIS A 258 -13.79 5.88 30.30
N LEU A 259 -13.77 5.80 31.64
CA LEU A 259 -13.43 4.55 32.37
C LEU A 259 -14.46 3.46 32.03
N CYS A 260 -15.74 3.83 31.98
CA CYS A 260 -16.82 2.85 31.68
C CYS A 260 -16.64 2.29 30.26
N ALA A 261 -16.30 3.14 29.29
CA ALA A 261 -16.10 2.72 27.89
C ALA A 261 -14.94 1.73 27.79
N ILE A 262 -13.85 1.97 28.52
CA ILE A 262 -12.66 1.09 28.50
C ILE A 262 -13.03 -0.30 29.04
N SER A 263 -13.64 -0.36 30.23
CA SER A 263 -14.00 -1.62 30.84
C SER A 263 -14.80 -2.49 29.89
N LEU A 264 -15.88 -1.93 29.32
CA LEU A 264 -16.71 -2.72 28.42
C LEU A 264 -15.88 -3.32 27.30
N ASP A 265 -15.13 -2.49 26.58
CA ASP A 265 -14.33 -2.99 25.49
C ASP A 265 -13.43 -4.13 25.95
N ARG A 266 -12.76 -3.93 27.08
CA ARG A 266 -11.83 -4.93 27.57
C ARG A 266 -12.51 -6.27 27.75
N TYR A 267 -13.74 -6.26 28.27
CA TYR A 267 -14.43 -7.52 28.50
C TYR A 267 -14.63 -8.29 27.20
N VAL A 268 -15.04 -7.60 26.13
CA VAL A 268 -15.31 -8.31 24.89
C VAL A 268 -14.03 -8.85 24.28
N ALA A 269 -12.88 -8.33 24.69
CA ALA A 269 -11.61 -8.82 24.18
C ALA A 269 -11.11 -10.05 24.93
N ILE A 270 -11.81 -10.49 25.97
CA ILE A 270 -11.32 -11.64 26.73
C ILE A 270 -12.35 -12.77 26.73
N GLN A 271 -13.63 -12.43 26.62
CA GLN A 271 -14.63 -13.48 26.51
C GLN A 271 -14.48 -14.24 25.20
N ASN A 272 -14.54 -13.51 24.07
CA ASN A 272 -14.37 -14.11 22.74
C ASN A 272 -13.47 -13.22 21.89
N PRO A 273 -12.20 -13.60 21.71
CA PRO A 273 -11.26 -12.73 21.00
C PRO A 273 -11.38 -12.71 19.48
N ILE A 274 -11.80 -13.82 18.88
CA ILE A 274 -11.86 -13.90 17.42
C ILE A 274 -12.89 -12.93 16.86
N HIS A 275 -14.11 -12.97 17.39
CA HIS A 275 -15.15 -12.06 16.92
C HIS A 275 -14.90 -10.63 17.34
N HIS A 276 -13.94 -10.37 18.21
CA HIS A 276 -13.50 -9.02 18.53
C HIS A 276 -12.45 -8.52 17.55
N SER A 277 -11.60 -9.42 17.06
CA SER A 277 -10.66 -9.07 16.01
C SER A 277 -11.35 -8.96 14.65
N ARG A 278 -12.53 -9.56 14.51
CA ARG A 278 -13.35 -9.39 13.31
C ARG A 278 -13.79 -7.94 13.15
N PHE A 279 -14.60 -7.48 14.10
CA PHE A 279 -15.23 -6.16 14.07
C PHE A 279 -14.32 -5.13 14.73
N ASN A 280 -13.35 -4.68 13.95
CA ASN A 280 -12.44 -3.62 14.38
C ASN A 280 -11.90 -3.02 13.10
N SER A 281 -12.30 -1.78 12.80
CA SER A 281 -11.97 -1.19 11.51
C SER A 281 -11.24 0.13 11.68
N ARG A 282 -10.51 0.28 12.79
CA ARG A 282 -9.67 1.44 13.08
C ARG A 282 -10.44 2.75 13.08
N THR A 283 -11.77 2.65 13.05
CA THR A 283 -12.66 3.84 13.05
C THR A 283 -13.53 3.82 14.31
N LYS A 284 -13.43 2.74 15.09
CA LYS A 284 -14.22 2.59 16.35
C LYS A 284 -13.82 3.66 17.36
N ALA A 285 -12.54 4.03 17.39
CA ALA A 285 -12.03 5.04 18.35
C ALA A 285 -12.73 6.38 18.09
N PHE A 286 -12.92 6.75 16.82
CA PHE A 286 -13.59 8.03 16.46
C PHE A 286 -15.03 8.01 16.98
N LEU A 287 -15.71 6.87 16.83
CA LEU A 287 -17.13 6.73 17.27
C LEU A 287 -17.22 6.83 18.80
N LYS A 288 -16.35 6.08 19.51
CA LYS A 288 -16.36 6.06 21.00
C LYS A 288 -16.03 7.46 21.54
N ILE A 289 -15.04 8.13 20.94
CA ILE A 289 -14.63 9.49 21.41
C ILE A 289 -15.80 10.47 21.23
N ILE A 290 -16.48 10.42 20.09
CA ILE A 290 -17.61 11.35 19.82
C ILE A 290 -18.76 11.06 20.81
N ALA A 291 -19.06 9.78 21.05
CA ALA A 291 -20.19 9.39 21.92
C ALA A 291 -19.99 9.85 23.38
N VAL A 292 -18.79 9.65 23.94
CA VAL A 292 -18.57 10.04 25.37
C VAL A 292 -18.66 11.57 25.53
N TRP A 293 -18.03 12.34 24.62
CA TRP A 293 -18.02 13.82 24.70
C TRP A 293 -19.45 14.38 24.55
N THR A 294 -20.22 13.82 23.61
CA THR A 294 -21.62 14.28 23.36
C THR A 294 -22.44 14.22 24.66
N ILE A 295 -22.41 13.07 25.35
CA ILE A 295 -23.18 12.89 26.61
C ILE A 295 -22.74 13.90 27.67
N SER A 296 -21.43 14.18 27.74
CA SER A 296 -20.87 15.10 28.77
C SER A 296 -21.44 16.52 28.63
N VAL A 297 -21.51 17.06 27.41
CA VAL A 297 -22.03 18.46 27.22
C VAL A 297 -23.51 18.56 27.59
N GLY A 298 -24.31 17.54 27.28
CA GLY A 298 -25.76 17.57 27.55
C GLY A 298 -26.09 17.65 29.03
N ILE A 299 -25.42 16.85 29.88
CA ILE A 299 -25.69 16.86 31.35
C ILE A 299 -25.29 18.21 31.96
N SER A 300 -24.22 18.84 31.45
CA SER A 300 -23.72 20.12 31.99
C SER A 300 -24.39 21.33 31.32
N MET A 301 -25.26 21.09 30.32
CA MET A 301 -25.95 22.20 29.60
C MET A 301 -26.90 22.97 30.54
N PRO A 302 -27.68 22.29 31.41
CA PRO A 302 -28.62 22.95 32.32
C PRO A 302 -28.11 23.88 33.44
N ILE A 303 -26.97 23.55 34.05
CA ILE A 303 -26.47 24.30 35.25
C ILE A 303 -26.23 25.79 34.96
N PRO A 304 -25.58 26.20 33.84
CA PRO A 304 -25.33 27.61 33.59
C PRO A 304 -26.60 28.47 33.38
N VAL A 305 -27.57 27.94 32.62
CA VAL A 305 -28.81 28.71 32.34
C VAL A 305 -29.58 28.96 33.65
N PHE A 306 -29.75 27.92 34.48
CA PHE A 306 -30.49 28.06 35.76
C PHE A 306 -29.73 28.98 36.72
N GLY A 307 -28.41 28.78 36.82
CA GLY A 307 -27.54 29.56 37.74
C GLY A 307 -27.48 31.03 37.38
N LEU A 308 -27.38 31.34 36.08
CA LEU A 308 -27.26 32.75 35.62
C LEU A 308 -28.54 33.53 36.00
N GLN A 309 -29.70 32.90 35.85
CA GLN A 309 -30.99 33.57 36.15
C GLN A 309 -31.17 33.77 37.67
N ASP A 310 -31.26 32.69 38.44
CA ASP A 310 -31.48 32.82 39.90
C ASP A 310 -30.18 32.49 40.66
N ASP A 311 -29.47 33.52 41.14
CA ASP A 311 -28.19 33.32 41.87
C ASP A 311 -28.45 32.61 43.20
N SER A 312 -29.72 32.39 43.56
CA SER A 312 -30.02 31.71 44.85
C SER A 312 -29.43 30.30 44.84
N LYS A 313 -29.55 29.60 43.71
CA LYS A 313 -29.04 28.21 43.57
C LYS A 313 -27.51 28.18 43.66
N VAL A 314 -26.84 29.04 42.87
CA VAL A 314 -25.36 29.09 42.73
C VAL A 314 -24.70 29.66 43.99
N PHE A 315 -24.98 30.91 44.35
CA PHE A 315 -24.29 31.49 45.53
C PHE A 315 -25.21 31.51 46.76
N LYS A 316 -24.79 30.81 47.81
CA LYS A 316 -25.52 30.78 49.11
C LYS A 316 -24.57 31.35 50.16
N GLY A 318 -22.63 33.92 49.91
CA GLY A 318 -21.36 34.22 49.21
C GLY A 318 -20.40 33.04 49.21
N SER A 319 -20.91 31.82 49.02
CA SER A 319 -20.05 30.61 49.01
C SER A 319 -19.93 29.99 47.60
N CYS A 320 -20.78 30.41 46.65
CA CYS A 320 -20.75 29.86 45.27
C CYS A 320 -20.84 28.33 45.31
N LEU A 321 -21.78 27.79 46.10
CA LEU A 321 -22.00 26.32 46.27
C LEU A 321 -23.46 25.97 45.97
N LEU A 322 -23.70 24.93 45.17
CA LEU A 322 -25.03 24.49 44.74
C LEU A 322 -25.94 24.18 45.92
N ALA A 323 -27.24 24.48 45.76
CA ALA A 323 -28.25 24.39 46.80
C ALA A 323 -29.38 23.40 46.52
N ASP A 324 -29.83 23.27 45.27
CA ASP A 324 -31.05 22.53 44.95
C ASP A 324 -30.90 21.04 45.22
N ASP A 325 -31.76 20.54 46.11
CA ASP A 325 -31.75 19.12 46.47
C ASP A 325 -32.15 18.24 45.30
N ASN A 326 -33.23 18.60 44.60
CA ASN A 326 -33.71 17.75 43.51
C ASN A 326 -32.65 17.60 42.42
N PHE A 327 -32.06 18.72 41.99
CA PHE A 327 -31.05 18.61 40.95
C PHE A 327 -29.85 17.83 41.43
N VAL A 328 -29.43 18.06 42.69
CA VAL A 328 -28.25 17.35 43.18
C VAL A 328 -28.51 15.85 43.15
N LEU A 329 -29.68 15.43 43.64
CA LEU A 329 -29.98 14.00 43.63
C LEU A 329 -30.00 13.44 42.22
N ILE A 330 -30.65 14.15 41.29
CA ILE A 330 -30.72 13.64 39.92
C ILE A 330 -29.34 13.59 39.26
N GLY A 331 -28.56 14.65 39.43
CA GLY A 331 -27.24 14.71 38.83
C GLY A 331 -26.30 13.66 39.40
N SER A 332 -26.33 13.47 40.71
CA SER A 332 -25.48 12.45 41.31
C SER A 332 -25.94 11.08 40.87
N PHE A 333 -27.25 10.87 40.73
CA PHE A 333 -27.74 9.57 40.33
C PHE A 333 -27.27 9.21 38.94
N VAL A 334 -27.32 10.18 38.02
CA VAL A 334 -26.93 9.87 36.63
C VAL A 334 -25.42 9.75 36.53
N SER A 335 -24.69 10.68 37.14
CA SER A 335 -23.24 10.69 37.01
C SER A 335 -22.57 9.49 37.69
N PHE A 336 -23.03 9.09 38.88
CA PHE A 336 -22.30 8.08 39.63
C PHE A 336 -23.08 6.84 40.08
N PHE A 337 -24.35 6.66 39.73
CA PHE A 337 -25.04 5.44 40.16
C PHE A 337 -25.29 4.47 39.03
N ILE A 338 -25.02 4.84 37.78
CA ILE A 338 -25.14 3.95 36.64
C ILE A 338 -23.74 3.39 36.35
N PRO A 339 -22.69 4.23 36.31
CA PRO A 339 -21.35 3.68 36.09
C PRO A 339 -20.88 2.74 37.17
N LEU A 340 -21.20 2.95 38.44
CA LEU A 340 -20.70 2.02 39.44
C LEU A 340 -21.24 0.63 39.20
N THR A 341 -22.54 0.55 38.90
CA THR A 341 -23.22 -0.75 38.65
C THR A 341 -22.62 -1.42 37.41
N ILE A 342 -22.32 -0.66 36.35
CA ILE A 342 -21.76 -1.22 35.13
C ILE A 342 -20.35 -1.75 35.37
N MET A 343 -19.51 -0.94 36.00
CA MET A 343 -18.13 -1.32 36.25
C MET A 343 -18.03 -2.52 37.18
N VAL A 344 -18.88 -2.59 38.20
CA VAL A 344 -18.81 -3.72 39.11
C VAL A 344 -19.19 -5.01 38.41
N ILE A 345 -20.29 -5.00 37.64
CA ILE A 345 -20.69 -6.21 36.94
C ILE A 345 -19.60 -6.65 35.97
N THR A 346 -19.03 -5.70 35.21
CA THR A 346 -18.04 -6.08 34.22
C THR A 346 -16.77 -6.62 34.87
N TYR A 347 -16.36 -6.06 36.00
CA TYR A 347 -15.18 -6.58 36.68
C TYR A 347 -15.40 -8.01 37.16
N PHE A 348 -16.56 -8.27 37.77
CA PHE A 348 -16.81 -9.64 38.22
C PHE A 348 -16.79 -10.61 37.05
N LEU A 349 -17.46 -10.26 35.95
CA LEU A 349 -17.49 -11.18 34.81
C LEU A 349 -16.10 -11.41 34.21
N THR A 350 -15.29 -10.36 34.06
CA THR A 350 -13.97 -10.54 33.47
C THR A 350 -13.06 -11.39 34.36
N ILE A 351 -13.01 -11.10 35.66
CA ILE A 351 -12.14 -11.90 36.54
C ILE A 351 -12.63 -13.35 36.57
N LYS A 352 -13.93 -13.56 36.47
CA LYS A 352 -14.43 -14.93 36.40
C LYS A 352 -14.00 -15.60 35.10
N SER A 353 -13.98 -14.85 34.00
CA SER A 353 -13.67 -15.44 32.69
C SER A 353 -12.19 -15.77 32.55
N LEU A 354 -11.30 -14.97 33.14
CA LEU A 354 -9.87 -15.23 32.99
C LEU A 354 -9.46 -16.54 33.63
N GLN A 355 -10.27 -17.11 34.50
CA GLN A 355 -9.94 -18.39 35.14
C GLN A 355 -11.06 -19.39 34.98
N ILE A 408 -0.37 -19.77 31.54
CA ILE A 408 -1.18 -19.55 32.71
C ILE A 408 -0.41 -18.76 33.75
N SER A 409 0.55 -17.96 33.27
CA SER A 409 1.24 -16.96 34.09
C SER A 409 0.84 -15.54 33.70
N ASN A 410 0.71 -15.31 32.38
CA ASN A 410 0.30 -13.99 31.86
C ASN A 410 -1.10 -13.69 32.39
N GLU A 411 -1.86 -14.75 32.67
CA GLU A 411 -3.25 -14.62 33.22
C GLU A 411 -3.14 -14.30 34.72
N GLN A 412 -2.02 -14.70 35.34
CA GLN A 412 -1.78 -14.44 36.78
C GLN A 412 -1.24 -13.01 36.94
N LYS A 413 -0.74 -12.42 35.85
CA LYS A 413 -0.20 -11.04 35.87
C LYS A 413 -1.34 -10.07 35.54
N ALA A 414 -2.33 -10.55 34.77
CA ALA A 414 -3.50 -9.75 34.40
C ALA A 414 -4.50 -9.66 35.55
N CYS A 415 -4.76 -10.78 36.23
CA CYS A 415 -5.69 -10.75 37.37
C CYS A 415 -5.21 -9.77 38.43
N LYS A 416 -3.92 -9.82 38.77
CA LYS A 416 -3.41 -8.89 39.78
C LYS A 416 -3.63 -7.45 39.35
N VAL A 417 -3.31 -7.12 38.09
CA VAL A 417 -3.40 -5.73 37.65
C VAL A 417 -4.85 -5.24 37.68
N LEU A 418 -5.79 -6.07 37.22
CA LEU A 418 -7.19 -5.65 37.23
C LEU A 418 -7.66 -5.37 38.66
N GLY A 419 -7.32 -6.26 39.59
CA GLY A 419 -7.72 -6.03 40.98
C GLY A 419 -7.19 -4.71 41.51
N ILE A 420 -5.91 -4.43 41.26
CA ILE A 420 -5.32 -3.18 41.76
C ILE A 420 -6.06 -1.97 41.20
N VAL A 421 -6.32 -1.99 39.89
CA VAL A 421 -6.95 -0.83 39.26
C VAL A 421 -8.32 -0.57 39.87
N PHE A 422 -9.14 -1.61 40.00
CA PHE A 422 -10.50 -1.41 40.50
C PHE A 422 -10.50 -0.90 41.94
N PHE A 423 -9.63 -1.47 42.79
CA PHE A 423 -9.61 -1.03 44.18
C PHE A 423 -9.22 0.43 44.29
N LEU A 424 -8.17 0.84 43.57
CA LEU A 424 -7.77 2.25 43.65
C LEU A 424 -8.89 3.18 43.21
N PHE A 425 -9.54 2.87 42.08
CA PHE A 425 -10.61 3.74 41.60
C PHE A 425 -11.73 3.89 42.63
N VAL A 426 -12.24 2.78 43.15
CA VAL A 426 -13.42 2.90 44.01
C VAL A 426 -13.07 3.61 45.31
N VAL A 427 -11.91 3.29 45.91
CA VAL A 427 -11.56 3.91 47.17
C VAL A 427 -11.18 5.38 47.00
N MET A 428 -10.88 5.82 45.78
CA MET A 428 -10.61 7.24 45.59
C MET A 428 -11.82 8.03 45.12
N TRP A 429 -12.88 7.38 44.64
CA TRP A 429 -14.04 8.11 44.14
C TRP A 429 -15.27 8.07 45.04
N CYS A 430 -15.49 7.00 45.81
CA CYS A 430 -16.77 6.86 46.52
C CYS A 430 -17.14 7.85 47.64
N PRO A 431 -16.21 8.31 48.48
CA PRO A 431 -16.63 9.03 49.69
C PRO A 431 -17.38 10.33 49.45
N PHE A 432 -16.92 11.16 48.50
CA PHE A 432 -17.54 12.45 48.30
C PHE A 432 -19.01 12.30 47.91
N PHE A 433 -19.29 11.47 46.91
CA PHE A 433 -20.65 11.31 46.45
C PHE A 433 -21.52 10.60 47.49
N ILE A 434 -20.94 9.67 48.23
CA ILE A 434 -21.71 9.04 49.31
C ILE A 434 -22.16 10.09 50.32
N THR A 435 -21.24 10.92 50.79
CA THR A 435 -21.60 11.96 51.76
C THR A 435 -22.62 12.93 51.20
N ASN A 436 -22.43 13.35 49.95
CA ASN A 436 -23.32 14.35 49.38
C ASN A 436 -24.74 13.82 49.22
N ILE A 437 -24.89 12.57 48.76
CA ILE A 437 -26.21 11.99 48.68
C ILE A 437 -26.79 11.70 50.05
N MET A 438 -25.93 11.53 51.07
CA MET A 438 -26.45 11.31 52.41
C MET A 438 -27.05 12.59 52.99
N ALA A 439 -26.37 13.73 52.83
CA ALA A 439 -26.81 14.92 53.55
C ALA A 439 -28.16 15.41 53.02
N VAL A 440 -28.22 15.79 51.75
CA VAL A 440 -29.44 16.34 51.19
C VAL A 440 -30.20 15.25 50.44
N ASN A 447 -23.44 18.72 62.74
CA ASN A 447 -22.40 19.73 62.79
C ASN A 447 -21.99 20.12 61.38
N GLU A 448 -22.46 21.29 60.94
CA GLU A 448 -22.21 21.71 59.56
C GLU A 448 -20.74 21.95 59.31
N ASP A 449 -19.99 22.32 60.35
CA ASP A 449 -18.55 22.46 60.21
C ASP A 449 -17.87 21.14 59.89
N VAL A 450 -18.30 20.05 60.57
CA VAL A 450 -17.72 18.75 60.28
C VAL A 450 -17.93 18.37 58.83
N ILE A 451 -19.17 18.52 58.34
CA ILE A 451 -19.47 18.15 56.97
C ILE A 451 -18.73 19.05 56.00
N GLY A 452 -18.58 20.33 56.33
CA GLY A 452 -17.82 21.21 55.45
C GLY A 452 -16.36 20.81 55.34
N ALA A 453 -15.72 20.54 56.48
CA ALA A 453 -14.32 20.13 56.44
C ALA A 453 -14.16 18.80 55.70
N LEU A 454 -15.09 17.86 55.94
CA LEU A 454 -15.05 16.60 55.23
C LEU A 454 -15.18 16.82 53.72
N LEU A 455 -16.07 17.71 53.32
CA LEU A 455 -16.24 18.00 51.90
C LEU A 455 -14.97 18.54 51.30
N ASN A 456 -14.28 19.44 52.01
CA ASN A 456 -13.03 19.97 51.51
C ASN A 456 -12.03 18.85 51.27
N VAL A 457 -11.78 18.03 52.29
CA VAL A 457 -10.79 16.96 52.16
C VAL A 457 -11.17 15.99 51.04
N PHE A 458 -12.45 15.70 50.90
CA PHE A 458 -12.86 14.69 49.93
C PHE A 458 -12.82 15.21 48.50
N VAL A 459 -13.09 16.50 48.28
CA VAL A 459 -12.97 16.99 46.92
C VAL A 459 -11.50 17.05 46.52
N TRP A 460 -10.62 17.31 47.49
CA TRP A 460 -9.20 17.22 47.15
C TRP A 460 -8.77 15.79 46.86
N ILE A 461 -9.35 14.80 47.56
CA ILE A 461 -9.06 13.40 47.24
C ILE A 461 -9.52 13.06 45.82
N GLY A 462 -10.67 13.58 45.42
CA GLY A 462 -11.12 13.35 44.05
C GLY A 462 -10.15 13.94 43.04
N TYR A 463 -9.64 15.15 43.31
CA TYR A 463 -8.63 15.71 42.43
C TYR A 463 -7.38 14.82 42.36
N LEU A 464 -6.99 14.24 43.50
CA LEU A 464 -5.85 13.34 43.50
C LEU A 464 -6.08 12.12 42.62
N SER A 465 -7.30 11.56 42.65
CA SER A 465 -7.60 10.42 41.78
C SER A 465 -7.52 10.82 40.31
N SER A 466 -8.00 12.02 39.99
CA SER A 466 -7.84 12.51 38.62
C SER A 466 -6.38 12.53 38.24
N ALA A 467 -5.50 12.88 39.19
CA ALA A 467 -4.08 12.91 38.87
C ALA A 467 -3.49 11.51 38.70
N VAL A 468 -3.95 10.54 39.49
CA VAL A 468 -3.36 9.20 39.44
C VAL A 468 -3.81 8.37 38.24
N ASN A 469 -4.98 8.67 37.66
CA ASN A 469 -5.46 7.81 36.56
C ASN A 469 -4.45 7.51 35.46
N PRO A 470 -3.76 8.48 34.86
CA PRO A 470 -3.00 8.16 33.65
C PRO A 470 -1.76 7.29 33.88
N LEU A 471 -1.14 7.44 35.05
CA LEU A 471 0.11 6.71 35.40
C LEU A 471 -0.10 5.20 35.40
N VAL A 472 -1.01 4.71 36.23
CA VAL A 472 -1.23 3.24 36.43
C VAL A 472 -1.63 2.55 35.12
N TYR A 473 -2.42 3.21 34.27
CA TYR A 473 -2.87 2.58 33.01
C TYR A 473 -1.68 2.25 32.09
N THR A 474 -0.70 3.15 31.97
CA THR A 474 0.44 2.93 31.05
C THR A 474 1.75 2.59 31.79
N LEU A 475 1.71 2.33 33.09
CA LEU A 475 2.99 2.05 33.81
C LEU A 475 3.34 0.56 33.79
N PHE A 476 2.46 -0.32 33.30
CA PHE A 476 2.82 -1.73 33.32
C PHE A 476 3.48 -2.20 32.03
N ASN A 477 3.44 -1.38 30.99
CA ASN A 477 4.10 -1.68 29.73
C ASN A 477 5.57 -1.33 29.82
N LYS A 478 6.42 -2.16 29.20
CA LYS A 478 7.86 -1.92 29.25
C LYS A 478 8.27 -0.76 28.36
N THR A 479 7.72 -0.67 27.16
CA THR A 479 8.10 0.39 26.23
C THR A 479 7.71 1.76 26.77
N TYR A 480 6.57 1.85 27.46
CA TYR A 480 6.19 3.11 28.08
C TYR A 480 7.24 3.53 29.11
N ARG A 481 7.71 2.60 29.93
CA ARG A 481 8.73 2.89 30.91
C ARG A 481 10.01 3.38 30.25
N SER A 482 10.48 2.66 29.22
CA SER A 482 11.71 3.07 28.54
C SER A 482 11.59 4.48 27.97
N ALA A 483 10.46 4.76 27.31
CA ALA A 483 10.24 6.09 26.77
C ALA A 483 10.22 7.14 27.88
N PHE A 484 9.58 6.82 29.01
CA PHE A 484 9.52 7.76 30.12
C PHE A 484 10.92 8.06 30.64
N SER A 485 11.74 7.03 30.82
CA SER A 485 13.10 7.25 31.31
C SER A 485 13.90 8.10 30.33
N ARG A 486 13.79 7.82 29.04
CA ARG A 486 14.51 8.61 28.04
C ARG A 486 14.06 10.06 28.06
N VAL B 5 -9.07 24.30 -12.05
CA VAL B 5 -9.03 23.05 -12.80
C VAL B 5 -10.07 23.12 -13.90
N SER B 6 -9.83 22.39 -14.99
CA SER B 6 -10.75 22.39 -16.11
C SER B 6 -11.84 21.35 -15.86
N ALA B 7 -12.62 21.02 -16.89
CA ALA B 7 -13.65 20.01 -16.70
C ALA B 7 -13.06 18.60 -16.64
N GLU B 8 -12.05 18.34 -17.46
CA GLU B 8 -11.44 17.01 -17.49
C GLU B 8 -10.85 16.64 -16.14
N ASP B 9 -10.22 17.59 -15.45
CA ASP B 9 -9.62 17.27 -14.17
C ASP B 9 -10.65 16.91 -13.12
N LYS B 10 -11.82 17.56 -13.14
CA LYS B 10 -12.83 17.16 -12.17
C LYS B 10 -13.37 15.76 -12.48
N ALA B 11 -13.55 15.45 -13.77
CA ALA B 11 -13.98 14.10 -14.11
C ALA B 11 -12.95 13.04 -13.69
N ALA B 12 -11.66 13.34 -13.86
CA ALA B 12 -10.63 12.39 -13.45
C ALA B 12 -10.61 12.21 -11.93
N ALA B 13 -10.83 13.28 -11.17
CA ALA B 13 -10.90 13.18 -9.72
C ALA B 13 -12.08 12.32 -9.27
N GLU B 14 -13.22 12.45 -9.95
CA GLU B 14 -14.35 11.58 -9.63
C GLU B 14 -14.01 10.11 -9.85
N ARG B 15 -13.34 9.81 -10.96
CA ARG B 15 -12.92 8.43 -11.21
C ARG B 15 -12.03 7.90 -10.09
N SER B 16 -11.08 8.72 -9.63
CA SER B 16 -10.21 8.27 -8.55
C SER B 16 -10.98 7.97 -7.27
N LYS B 17 -11.98 8.80 -6.94
CA LYS B 17 -12.77 8.55 -5.73
C LYS B 17 -13.51 7.22 -5.80
N MET B 18 -14.08 6.90 -6.96
CA MET B 18 -14.79 5.63 -7.08
C MET B 18 -13.84 4.46 -6.93
N ILE B 19 -12.65 4.55 -7.53
CA ILE B 19 -11.65 3.49 -7.38
C ILE B 19 -11.38 3.23 -5.90
N ASP B 20 -11.17 4.30 -5.13
CA ASP B 20 -10.85 4.13 -3.71
C ASP B 20 -11.99 3.49 -2.93
N LYS B 21 -13.23 3.90 -3.22
CA LYS B 21 -14.34 3.29 -2.51
C LYS B 21 -14.36 1.78 -2.73
N ASN B 22 -14.09 1.32 -3.96
CA ASN B 22 -14.04 -0.13 -4.16
C ASN B 22 -12.90 -0.80 -3.38
N LEU B 23 -11.74 -0.15 -3.32
CA LEU B 23 -10.61 -0.76 -2.62
C LEU B 23 -10.94 -1.02 -1.16
N ARG B 24 -11.63 -0.09 -0.51
CA ARG B 24 -11.92 -0.28 0.92
C ARG B 24 -12.78 -1.51 1.18
N GLU B 25 -13.82 -1.72 0.38
CA GLU B 25 -14.67 -2.88 0.59
C GLU B 25 -13.89 -4.17 0.39
N ASP B 26 -13.06 -4.21 -0.65
CA ASP B 26 -12.28 -5.43 -0.86
C ASP B 26 -11.38 -5.70 0.35
N GLY B 27 -10.79 -4.65 0.91
CA GLY B 27 -9.95 -4.84 2.09
C GLY B 27 -10.66 -5.42 3.29
N GLU B 28 -11.86 -4.91 3.60
CA GLU B 28 -12.57 -5.47 4.75
C GLU B 28 -12.95 -6.94 4.55
N LYS B 29 -13.44 -7.27 3.34
CA LYS B 29 -13.80 -8.65 3.09
C LYS B 29 -12.58 -9.55 3.25
N ALA B 30 -11.43 -9.10 2.77
CA ALA B 30 -10.20 -9.86 2.95
C ALA B 30 -9.85 -10.00 4.43
N ARG B 31 -10.13 -8.96 5.21
CA ARG B 31 -9.82 -8.96 6.65
C ARG B 31 -10.68 -9.91 7.47
N ARG B 32 -11.68 -10.58 6.89
CA ARG B 32 -12.51 -11.43 7.75
C ARG B 32 -12.10 -12.92 7.77
N THR B 33 -10.97 -13.30 7.17
CA THR B 33 -10.50 -14.68 7.13
C THR B 33 -9.16 -14.88 7.85
N LEU B 34 -8.92 -16.09 8.36
CA LEU B 34 -7.66 -16.46 9.02
C LEU B 34 -6.80 -17.39 8.15
N ARG B 35 -5.53 -17.03 7.98
CA ARG B 35 -4.59 -17.74 7.11
C ARG B 35 -3.56 -18.52 7.91
N LEU B 36 -3.03 -19.59 7.33
CA LEU B 36 -2.06 -20.46 7.99
C LEU B 36 -0.93 -20.76 7.01
N LEU B 37 -0.03 -21.66 7.38
CA LEU B 37 1.05 -22.10 6.51
C LEU B 37 1.44 -23.50 6.95
N LEU B 38 1.72 -24.38 6.01
CA LEU B 38 1.95 -25.78 6.32
C LEU B 38 3.36 -26.19 5.93
N LEU B 39 4.05 -26.89 6.84
CA LEU B 39 5.42 -27.32 6.56
C LEU B 39 5.60 -28.76 6.99
N GLY B 40 6.38 -29.50 6.22
CA GLY B 40 6.68 -30.90 6.50
C GLY B 40 7.61 -31.44 5.43
N ALA B 41 8.58 -32.27 5.78
CA ALA B 41 9.63 -32.59 4.80
C ALA B 41 9.17 -33.61 3.77
N ASP B 42 8.95 -34.84 4.20
CA ASP B 42 8.59 -35.95 3.34
C ASP B 42 8.40 -37.16 4.24
N ASN B 43 7.62 -38.11 3.77
CA ASN B 43 7.34 -39.31 4.56
C ASN B 43 6.71 -38.92 5.89
N SER B 44 5.91 -37.87 5.87
CA SER B 44 5.24 -37.35 7.05
C SER B 44 3.73 -37.30 6.90
N GLY B 45 3.24 -37.23 5.67
CA GLY B 45 1.83 -37.19 5.38
C GLY B 45 1.19 -35.86 5.69
N LYS B 46 1.67 -34.79 5.05
CA LYS B 46 1.13 -33.47 5.30
C LYS B 46 -0.29 -33.34 4.80
N SER B 47 -0.62 -34.05 3.73
CA SER B 47 -1.94 -33.88 3.13
C SER B 47 -3.05 -34.58 3.90
N THR B 48 -2.73 -35.52 4.77
CA THR B 48 -3.73 -36.33 5.42
C THR B 48 -3.99 -35.90 6.87
N ILE B 49 -3.74 -34.64 7.21
CA ILE B 49 -4.09 -34.15 8.54
C ILE B 49 -5.53 -33.70 8.62
N VAL B 50 -6.03 -32.93 7.65
CA VAL B 50 -7.43 -32.53 7.63
C VAL B 50 -8.10 -33.19 6.44
N LYS B 51 -8.65 -34.38 6.64
CA LYS B 51 -9.05 -35.20 5.50
C LYS B 51 -10.54 -35.14 5.17
N GLY B 68 2.47 -24.80 -9.01
CA GLY B 68 3.42 -24.03 -8.18
C GLY B 68 3.05 -24.07 -6.71
N ILE B 69 1.92 -23.48 -6.35
CA ILE B 69 1.43 -23.46 -4.93
C ILE B 69 0.02 -24.05 -4.86
N PHE B 70 -0.20 -25.01 -3.95
CA PHE B 70 -1.54 -25.63 -3.76
C PHE B 70 -2.21 -24.94 -2.56
N GLU B 71 -3.53 -25.11 -2.40
CA GLU B 71 -4.21 -24.47 -1.29
C GLU B 71 -5.52 -25.15 -1.01
N THR B 72 -5.91 -25.16 0.24
CA THR B 72 -7.18 -25.67 0.69
C THR B 72 -7.94 -24.56 1.42
N LYS B 73 -9.09 -24.90 1.96
CA LYS B 73 -9.92 -23.90 2.63
C LYS B 73 -10.97 -24.62 3.45
N PHE B 74 -11.07 -24.31 4.74
CA PHE B 74 -12.09 -25.00 5.52
C PHE B 74 -12.75 -24.04 6.49
N GLN B 75 -13.68 -24.55 7.27
CA GLN B 75 -14.41 -23.70 8.20
C GLN B 75 -14.84 -24.53 9.41
N VAL B 76 -14.92 -23.86 10.56
CA VAL B 76 -15.43 -24.46 11.79
C VAL B 76 -16.03 -23.36 12.66
N ASP B 77 -17.28 -23.55 13.08
CA ASP B 77 -17.99 -22.59 13.92
C ASP B 77 -18.01 -21.20 13.29
N LYS B 78 -18.34 -21.15 12.00
CA LYS B 78 -18.48 -19.89 11.27
C LYS B 78 -17.21 -19.04 11.32
N VAL B 79 -16.05 -19.67 11.12
CA VAL B 79 -14.79 -18.97 10.92
C VAL B 79 -14.10 -19.64 9.73
N ASN B 80 -13.49 -18.84 8.86
CA ASN B 80 -12.92 -19.34 7.62
C ASN B 80 -11.39 -19.39 7.66
N PHE B 81 -10.83 -20.56 7.37
CA PHE B 81 -9.40 -20.75 7.38
C PHE B 81 -8.88 -21.01 5.96
N HIS B 82 -7.63 -20.61 5.73
CA HIS B 82 -6.91 -20.79 4.44
C HIS B 82 -5.53 -21.41 4.71
N MET B 83 -5.14 -22.43 3.92
CA MET B 83 -3.87 -23.11 4.05
C MET B 83 -3.02 -22.91 2.82
N PHE B 84 -1.70 -22.91 3.00
CA PHE B 84 -0.75 -22.73 1.91
C PHE B 84 0.43 -23.65 2.15
N ASP B 85 0.79 -24.40 1.10
CA ASP B 85 1.96 -25.33 1.15
C ASP B 85 2.56 -25.42 -0.26
N VAL B 86 3.87 -25.20 -0.38
CA VAL B 86 4.59 -25.22 -1.69
C VAL B 86 5.33 -26.55 -1.85
N GLY B 87 5.85 -26.80 -3.05
CA GLY B 87 6.60 -28.05 -3.34
C GLY B 87 7.67 -27.81 -4.40
N ARG B 93 15.04 -22.81 1.21
CA ARG B 93 13.69 -22.18 1.32
C ARG B 93 13.86 -20.88 2.10
N ARG B 94 15.10 -20.40 2.18
CA ARG B 94 15.46 -19.19 2.90
C ARG B 94 14.96 -17.94 2.21
N LYS B 95 14.70 -18.01 0.91
CA LYS B 95 14.51 -16.80 0.15
C LYS B 95 13.04 -16.41 0.00
N TRP B 96 12.14 -17.37 -0.14
CA TRP B 96 10.73 -17.01 -0.26
C TRP B 96 10.01 -17.03 1.07
N ILE B 97 10.72 -17.16 2.19
CA ILE B 97 10.10 -17.27 3.51
C ILE B 97 9.82 -15.90 4.11
N GLN B 98 10.34 -14.83 3.52
CA GLN B 98 10.04 -13.49 3.99
C GLN B 98 8.63 -13.08 3.65
N CYS B 99 8.01 -13.73 2.67
CA CYS B 99 6.65 -13.36 2.29
C CYS B 99 5.64 -13.70 3.37
N PHE B 100 5.88 -14.79 4.11
CA PHE B 100 4.94 -15.26 5.13
C PHE B 100 5.39 -14.78 6.52
N ASN B 101 5.24 -13.49 6.78
CA ASN B 101 5.52 -13.02 8.14
C ASN B 101 4.37 -12.20 8.71
N ASP B 102 3.17 -12.40 8.20
CA ASP B 102 1.95 -11.84 8.77
C ASP B 102 0.89 -12.90 9.05
N VAL B 103 1.16 -14.18 8.78
CA VAL B 103 0.21 -15.24 9.08
C VAL B 103 0.02 -15.36 10.58
N THR B 104 -1.04 -16.06 10.99
CA THR B 104 -1.31 -16.18 12.42
C THR B 104 -0.51 -17.31 13.07
N ALA B 105 -0.33 -18.44 12.40
CA ALA B 105 0.39 -19.55 13.00
C ALA B 105 0.96 -20.44 11.92
N ILE B 106 2.10 -21.06 12.23
CA ILE B 106 2.73 -22.04 11.36
C ILE B 106 2.35 -23.43 11.83
N ILE B 107 2.30 -24.39 10.91
CA ILE B 107 2.06 -25.78 11.26
C ILE B 107 3.26 -26.60 10.84
N PHE B 108 3.71 -27.52 11.70
CA PHE B 108 4.92 -28.28 11.47
C PHE B 108 4.60 -29.74 11.71
N VAL B 109 4.60 -30.54 10.66
CA VAL B 109 4.22 -31.96 10.74
C VAL B 109 5.47 -32.81 10.69
N VAL B 110 5.70 -33.61 11.72
CA VAL B 110 6.89 -34.46 11.78
C VAL B 110 6.45 -35.91 11.94
N ASP B 111 7.28 -36.82 11.43
CA ASP B 111 7.06 -38.25 11.55
C ASP B 111 7.67 -38.76 12.84
N SER B 112 7.11 -39.87 13.33
CA SER B 112 7.55 -40.40 14.61
C SER B 112 7.89 -41.89 14.56
N SER B 113 7.86 -42.52 13.39
CA SER B 113 8.24 -43.92 13.31
C SER B 113 9.67 -44.13 12.83
N ASP B 114 10.22 -43.22 12.06
CA ASP B 114 11.60 -43.32 11.62
C ASP B 114 12.54 -42.80 12.70
N TYR B 115 13.57 -43.58 12.99
CA TYR B 115 14.56 -43.16 13.98
C TYR B 115 15.81 -42.65 13.28
N ASN B 116 15.94 -42.91 11.98
CA ASN B 116 17.13 -42.53 11.24
C ASN B 116 17.20 -41.04 11.01
N ARG B 117 16.05 -40.38 10.84
CA ARG B 117 16.04 -38.99 10.40
C ARG B 117 15.57 -38.03 11.47
N LEU B 118 15.36 -38.49 12.71
CA LEU B 118 14.85 -37.58 13.73
C LEU B 118 15.81 -36.42 13.97
N GLN B 119 17.10 -36.65 13.81
CA GLN B 119 18.04 -35.55 13.96
C GLN B 119 17.86 -34.51 12.86
N GLU B 120 17.52 -34.96 11.66
CA GLU B 120 17.27 -34.01 10.59
C GLU B 120 16.05 -33.16 10.88
N ALA B 121 14.99 -33.76 11.43
CA ALA B 121 13.81 -32.99 11.78
C ALA B 121 14.11 -32.01 12.91
N LEU B 122 14.90 -32.42 13.89
CA LEU B 122 15.30 -31.48 14.94
C LEU B 122 16.09 -30.31 14.39
N ASN B 123 17.03 -30.56 13.49
CA ASN B 123 17.79 -29.45 12.93
C ASN B 123 16.90 -28.52 12.11
N ASP B 124 15.95 -29.08 11.37
CA ASP B 124 15.03 -28.25 10.59
C ASP B 124 14.17 -27.39 11.50
N PHE B 125 13.67 -27.96 12.60
CA PHE B 125 12.91 -27.18 13.56
C PHE B 125 13.74 -26.08 14.19
N LYS B 126 15.01 -26.37 14.47
CA LYS B 126 15.87 -25.34 15.05
C LYS B 126 16.11 -24.21 14.08
N SER B 127 16.20 -24.53 12.79
CA SER B 127 16.42 -23.47 11.81
C SER B 127 15.17 -22.61 11.62
N ILE B 128 13.99 -23.21 11.71
CA ILE B 128 12.77 -22.42 11.56
C ILE B 128 12.49 -21.59 12.81
N TRP B 129 12.73 -22.16 14.00
CA TRP B 129 12.39 -21.46 15.23
C TRP B 129 13.23 -20.21 15.45
N ASN B 130 14.49 -20.21 15.01
CA ASN B 130 15.40 -19.11 15.25
C ASN B 130 15.63 -18.26 14.01
N ASN B 131 14.67 -18.19 13.11
CA ASN B 131 14.77 -17.33 11.94
C ASN B 131 14.66 -15.86 12.34
N ARG B 132 14.85 -15.00 11.36
CA ARG B 132 14.93 -13.56 11.60
C ARG B 132 13.63 -12.84 11.30
N TRP B 133 12.82 -13.35 10.38
CA TRP B 133 11.54 -12.73 10.06
C TRP B 133 10.38 -13.38 10.79
N LEU B 134 10.56 -14.58 11.33
CA LEU B 134 9.51 -15.28 12.07
C LEU B 134 9.73 -15.21 13.57
N ARG B 135 10.20 -14.08 14.10
CA ARG B 135 10.51 -13.99 15.52
C ARG B 135 9.28 -13.88 16.40
N THR B 136 8.09 -13.68 15.84
CA THR B 136 6.87 -13.52 16.64
C THR B 136 5.72 -14.37 16.13
N ILE B 137 5.99 -15.39 15.31
CA ILE B 137 4.96 -16.27 14.76
C ILE B 137 4.97 -17.58 15.52
N SER B 138 3.82 -17.99 16.04
CA SER B 138 3.73 -19.19 16.87
C SER B 138 3.59 -20.46 16.06
N VAL B 139 4.17 -21.54 16.57
CA VAL B 139 4.19 -22.83 15.88
C VAL B 139 3.21 -23.80 16.51
N ILE B 140 2.63 -24.66 15.69
CA ILE B 140 1.87 -25.81 16.16
C ILE B 140 2.59 -27.04 15.66
N LEU B 141 2.75 -28.04 16.51
CA LEU B 141 3.41 -29.28 16.14
C LEU B 141 2.40 -30.38 15.87
N PHE B 142 2.82 -31.38 15.11
CA PHE B 142 1.96 -32.54 14.90
C PHE B 142 2.88 -33.73 14.73
N LEU B 143 2.96 -34.57 15.76
CA LEU B 143 3.76 -35.78 15.72
C LEU B 143 2.87 -36.91 15.20
N ASN B 144 3.20 -37.43 14.01
CA ASN B 144 2.32 -38.36 13.32
C ASN B 144 2.61 -39.81 13.63
N LYS B 145 1.65 -40.66 13.26
CA LYS B 145 1.81 -42.11 13.21
C LYS B 145 2.29 -42.68 14.54
N GLN B 146 1.53 -42.42 15.58
CA GLN B 146 1.91 -42.94 16.88
C GLN B 146 1.67 -44.44 16.99
N ASP B 147 0.75 -44.99 16.21
CA ASP B 147 0.48 -46.42 16.29
C ASP B 147 1.63 -47.23 15.70
N LEU B 148 2.25 -46.73 14.63
CA LEU B 148 3.45 -47.36 14.11
C LEU B 148 4.58 -47.30 15.13
N LEU B 149 4.68 -46.19 15.86
CA LEU B 149 5.63 -46.13 16.96
C LEU B 149 5.32 -47.21 17.99
N ALA B 150 4.05 -47.39 18.32
CA ALA B 150 3.67 -48.42 19.28
C ALA B 150 4.11 -49.80 18.82
N GLU B 151 3.81 -50.14 17.56
CA GLU B 151 4.16 -51.47 17.07
C GLU B 151 5.67 -51.65 17.00
N LYS B 152 6.40 -50.64 16.53
CA LYS B 152 7.84 -50.78 16.38
C LYS B 152 8.54 -50.86 17.74
N VAL B 153 8.00 -50.22 18.77
CA VAL B 153 8.63 -50.32 20.07
C VAL B 153 8.19 -51.57 20.82
N LEU B 154 6.98 -52.09 20.53
CA LEU B 154 6.54 -53.32 21.16
C LEU B 154 7.17 -54.56 20.54
N ALA B 155 7.62 -54.49 19.29
CA ALA B 155 8.27 -55.65 18.69
C ALA B 155 9.62 -55.91 19.33
N GLY B 156 10.38 -54.86 19.61
CA GLY B 156 11.67 -54.98 20.24
C GLY B 156 12.84 -55.15 19.31
N LYS B 157 12.61 -55.13 18.00
CA LYS B 157 13.70 -55.34 17.04
C LYS B 157 14.64 -54.14 17.01
N SER B 158 14.08 -52.93 17.01
CA SER B 158 14.87 -51.70 16.96
C SER B 158 14.71 -50.95 18.27
N LYS B 159 15.82 -50.53 18.86
CA LYS B 159 15.82 -49.85 20.14
C LYS B 159 16.22 -48.39 19.99
N ILE B 160 15.61 -47.52 20.79
CA ILE B 160 15.93 -46.10 20.78
C ILE B 160 17.30 -45.83 21.39
N GLU B 161 17.75 -46.70 22.28
CA GLU B 161 19.06 -46.51 22.91
C GLU B 161 20.20 -46.56 21.91
N ASP B 162 19.98 -47.19 20.76
CA ASP B 162 21.00 -47.23 19.72
C ASP B 162 21.27 -45.84 19.17
N TYR B 163 20.23 -45.07 18.89
CA TYR B 163 20.41 -43.76 18.27
C TYR B 163 20.58 -42.61 19.26
N PHE B 164 19.90 -42.66 20.41
CA PHE B 164 20.01 -41.61 21.40
C PHE B 164 20.66 -42.15 22.65
N PRO B 165 21.83 -41.65 23.04
CA PRO B 165 22.50 -42.23 24.22
C PRO B 165 21.80 -41.88 25.52
N GLU B 166 21.28 -40.66 25.64
CA GLU B 166 20.70 -40.21 26.90
C GLU B 166 19.36 -40.86 27.20
N PHE B 167 18.85 -41.73 26.33
CA PHE B 167 17.55 -42.34 26.60
C PHE B 167 17.61 -43.33 27.74
N ALA B 168 18.79 -43.90 28.02
CA ALA B 168 18.90 -44.92 29.06
C ALA B 168 18.58 -44.35 30.44
N ARG B 169 19.00 -43.11 30.70
CA ARG B 169 18.83 -42.54 32.02
C ARG B 169 17.51 -41.82 32.21
N TYR B 170 16.85 -41.44 31.13
CA TYR B 170 15.60 -40.70 31.25
C TYR B 170 14.53 -41.59 31.87
N THR B 171 13.80 -41.07 32.85
CA THR B 171 12.72 -41.81 33.46
C THR B 171 11.43 -41.00 33.38
N THR B 172 10.33 -41.69 33.12
CA THR B 172 9.06 -41.02 32.92
C THR B 172 8.69 -40.23 34.16
N PRO B 173 8.19 -39.00 33.99
CA PRO B 173 7.79 -38.23 35.16
C PRO B 173 6.61 -38.91 35.83
N ASP B 183 1.17 -50.04 27.47
CA ASP B 183 2.36 -50.47 28.19
C ASP B 183 3.19 -49.24 28.55
N PRO B 184 3.72 -49.15 29.79
CA PRO B 184 4.52 -47.98 30.16
C PRO B 184 5.65 -47.64 29.22
N ARG B 185 6.08 -48.62 28.41
CA ARG B 185 7.17 -48.38 27.48
C ARG B 185 6.79 -47.36 26.42
N VAL B 186 5.59 -47.49 25.86
CA VAL B 186 5.14 -46.57 24.81
C VAL B 186 5.04 -45.16 25.36
N THR B 187 4.55 -45.04 26.60
CA THR B 187 4.40 -43.72 27.21
C THR B 187 5.76 -43.09 27.48
N ARG B 188 6.69 -43.87 28.02
CA ARG B 188 8.03 -43.35 28.26
C ARG B 188 8.68 -42.86 26.96
N ALA B 189 8.63 -43.68 25.91
CA ALA B 189 9.28 -43.31 24.66
C ALA B 189 8.67 -42.04 24.07
N LYS B 190 7.34 -41.98 23.99
CA LYS B 190 6.75 -40.81 23.35
C LYS B 190 6.96 -39.56 24.18
N TYR B 191 7.02 -39.68 25.49
CA TYR B 191 7.30 -38.52 26.30
C TYR B 191 8.72 -38.01 26.08
N PHE B 192 9.67 -38.94 25.88
CA PHE B 192 11.03 -38.49 25.57
C PHE B 192 11.08 -37.74 24.23
N ILE B 193 10.40 -38.27 23.21
CA ILE B 193 10.44 -37.64 21.89
C ILE B 193 9.79 -36.26 21.91
N ARG B 194 8.70 -36.12 22.64
CA ARG B 194 8.07 -34.80 22.77
C ARG B 194 8.94 -33.84 23.57
N LYS B 195 9.62 -34.34 24.60
CA LYS B 195 10.40 -33.47 25.47
C LYS B 195 11.55 -32.82 24.74
N GLU B 196 12.23 -33.55 23.86
CA GLU B 196 13.39 -32.90 23.23
C GLU B 196 12.97 -31.73 22.34
N PHE B 197 11.84 -31.85 21.64
CA PHE B 197 11.37 -30.71 20.84
C PHE B 197 11.02 -29.53 21.73
N VAL B 198 10.29 -29.79 22.83
CA VAL B 198 9.95 -28.66 23.69
C VAL B 198 11.21 -28.04 24.31
N ASP B 199 12.25 -28.84 24.51
CA ASP B 199 13.52 -28.32 25.04
C ASP B 199 14.18 -27.40 24.03
N ILE B 200 14.18 -27.77 22.74
CA ILE B 200 14.64 -26.86 21.71
C ILE B 200 13.82 -25.57 21.74
N SER B 201 12.54 -25.69 22.04
CA SER B 201 11.65 -24.53 22.02
C SER B 201 11.95 -23.54 23.13
N THR B 202 12.20 -24.01 24.35
CA THR B 202 12.31 -23.08 25.47
C THR B 202 13.73 -22.59 25.75
N ALA B 203 14.71 -22.95 24.92
CA ALA B 203 16.07 -22.49 25.16
C ALA B 203 16.19 -20.98 25.03
N SER B 204 15.61 -20.40 23.98
CA SER B 204 15.67 -18.95 23.80
C SER B 204 14.50 -18.51 22.93
N GLY B 205 13.40 -18.15 23.58
CA GLY B 205 12.23 -17.69 22.87
C GLY B 205 11.82 -16.26 23.19
N ASP B 206 12.16 -15.81 24.40
CA ASP B 206 11.92 -14.49 24.96
C ASP B 206 10.47 -14.30 25.42
N GLY B 207 9.62 -15.32 25.33
CA GLY B 207 8.24 -15.21 25.77
C GLY B 207 7.28 -14.56 24.80
N ARG B 208 7.71 -14.30 23.57
CA ARG B 208 6.84 -13.67 22.58
C ARG B 208 6.10 -14.67 21.71
N HIS B 209 6.51 -15.94 21.69
CA HIS B 209 5.78 -16.97 20.96
C HIS B 209 6.09 -18.32 21.58
N ILE B 210 5.18 -19.28 21.38
CA ILE B 210 5.29 -20.59 22.02
C ILE B 210 4.83 -21.68 21.05
N CYS B 211 5.16 -22.92 21.40
CA CYS B 211 4.84 -24.12 20.63
C CYS B 211 3.76 -24.92 21.33
N TYR B 212 2.93 -25.62 20.56
CA TYR B 212 1.77 -26.36 21.06
C TYR B 212 1.79 -27.81 20.58
N PRO B 213 2.49 -28.70 21.28
CA PRO B 213 2.60 -30.09 20.78
C PRO B 213 1.27 -30.83 20.72
N HIS B 214 1.27 -31.90 19.94
CA HIS B 214 0.11 -32.80 19.79
C HIS B 214 0.62 -34.15 19.31
N PHE B 215 -0.14 -35.20 19.59
CA PHE B 215 0.19 -36.58 19.20
C PHE B 215 -0.91 -37.13 18.32
N THR B 216 -0.85 -36.77 17.03
CA THR B 216 -1.91 -37.09 16.02
C THR B 216 -1.75 -38.49 15.43
N CYS B 217 -2.81 -39.29 15.46
CA CYS B 217 -2.80 -40.65 14.87
C CYS B 217 -3.11 -40.54 13.37
N VAL B 219 -5.67 -41.66 11.30
CA VAL B 219 -7.13 -41.93 11.16
C VAL B 219 -7.90 -40.95 12.06
N ASP B 220 -7.19 -40.07 12.77
CA ASP B 220 -7.83 -39.08 13.67
C ASP B 220 -8.70 -38.15 12.81
N THR B 221 -9.89 -37.81 13.30
CA THR B 221 -10.83 -36.96 12.51
C THR B 221 -11.06 -35.61 13.19
N GLU B 222 -10.41 -35.34 14.33
CA GLU B 222 -10.64 -34.04 14.96
C GLU B 222 -9.35 -33.23 14.95
N ASN B 223 -8.96 -32.80 13.75
CA ASN B 223 -7.73 -31.99 13.55
C ASN B 223 -8.09 -30.53 13.31
N ALA B 224 -9.38 -30.19 13.21
CA ALA B 224 -9.76 -28.80 12.99
C ALA B 224 -10.12 -28.10 14.29
N ARG B 225 -10.71 -28.85 15.23
CA ARG B 225 -11.05 -28.29 16.53
C ARG B 225 -9.79 -27.89 17.30
N ARG B 226 -8.74 -28.70 17.20
CA ARG B 226 -7.49 -28.38 17.89
C ARG B 226 -6.88 -27.09 17.37
N ILE B 227 -6.77 -26.97 16.04
CA ILE B 227 -6.25 -25.74 15.45
C ILE B 227 -7.12 -24.55 15.83
N PHE B 228 -8.44 -24.76 15.89
CA PHE B 228 -9.32 -23.66 16.24
C PHE B 228 -9.01 -23.16 17.66
N ASN B 229 -8.94 -24.08 18.62
CA ASN B 229 -8.66 -23.67 20.00
C ASN B 229 -7.28 -23.02 20.13
N ASP B 230 -6.26 -23.56 19.48
CA ASP B 230 -4.93 -22.95 19.59
C ASP B 230 -4.88 -21.58 18.95
N CYS B 231 -5.60 -21.35 17.85
CA CYS B 231 -5.59 -20.02 17.26
C CYS B 231 -6.34 -19.02 18.15
N LYS B 232 -7.43 -19.47 18.78
CA LYS B 232 -8.14 -18.61 19.72
C LYS B 232 -7.22 -18.19 20.86
N ASP B 233 -6.47 -19.15 21.41
CA ASP B 233 -5.55 -18.81 22.50
C ASP B 233 -4.47 -17.85 22.03
N ILE B 234 -3.97 -18.02 20.80
CA ILE B 234 -2.95 -17.11 20.28
C ILE B 234 -3.48 -15.68 20.22
N ILE B 235 -4.69 -15.52 19.65
CA ILE B 235 -5.23 -14.17 19.59
C ILE B 235 -5.51 -13.60 20.96
N LEU B 236 -5.88 -14.45 21.93
CA LEU B 236 -6.11 -13.96 23.29
C LEU B 236 -4.83 -13.40 23.89
N GLN B 237 -3.71 -14.11 23.72
CA GLN B 237 -2.46 -13.59 24.27
C GLN B 237 -2.08 -12.28 23.60
N MET B 238 -2.37 -12.17 22.30
CA MET B 238 -2.11 -10.91 21.62
C MET B 238 -2.93 -9.77 22.22
N ASN B 239 -4.22 -10.01 22.48
CA ASN B 239 -5.08 -8.96 23.04
C ASN B 239 -4.65 -8.57 24.44
N LEU B 240 -4.25 -9.55 25.26
CA LEU B 240 -3.71 -9.21 26.56
C LEU B 240 -2.48 -8.33 26.42
N ARG B 241 -1.64 -8.62 25.44
CA ARG B 241 -0.41 -7.83 25.31
C ARG B 241 -0.72 -6.41 24.86
N GLU B 242 -1.77 -6.21 24.07
CA GLU B 242 -2.05 -4.87 23.55
C GLU B 242 -2.68 -3.95 24.58
N TYR B 243 -3.50 -4.48 25.50
CA TYR B 243 -4.23 -3.66 26.47
C TYR B 243 -3.40 -3.26 27.67
N ASN B 244 -2.08 -3.36 27.60
CA ASN B 244 -1.16 -2.90 28.63
C ASN B 244 -1.21 -3.69 29.92
N LEU B 245 -1.99 -4.75 30.01
CA LEU B 245 -1.99 -5.54 31.24
C LEU B 245 -0.65 -6.26 31.42
N VAL B 246 -0.02 -6.65 30.32
CA VAL B 246 1.28 -7.29 30.32
C VAL B 246 2.14 -6.55 29.30
N GLU C 21 40.69 -39.07 -15.30
CA GLU C 21 39.79 -38.10 -15.90
C GLU C 21 39.57 -36.89 -14.98
N LEU C 22 39.12 -37.17 -13.76
CA LEU C 22 38.82 -36.11 -12.79
C LEU C 22 40.06 -35.31 -12.42
N ASP C 23 41.20 -35.98 -12.24
CA ASP C 23 42.41 -35.28 -11.82
C ASP C 23 42.84 -34.23 -12.83
N GLN C 24 42.84 -34.59 -14.12
CA GLN C 24 43.24 -33.63 -15.15
C GLN C 24 42.30 -32.44 -15.16
N LEU C 25 40.99 -32.68 -15.05
CA LEU C 25 40.02 -31.60 -15.07
C LEU C 25 40.22 -30.64 -13.91
N ARG C 26 40.41 -31.18 -12.69
CA ARG C 26 40.60 -30.30 -11.55
C ARG C 26 41.89 -29.50 -11.68
N GLN C 27 42.96 -30.15 -12.12
CA GLN C 27 44.23 -29.44 -12.28
C GLN C 27 44.12 -28.34 -13.34
N GLU C 28 43.46 -28.64 -14.46
CA GLU C 28 43.32 -27.63 -15.51
C GLU C 28 42.52 -26.45 -15.03
N ALA C 29 41.42 -26.69 -14.31
CA ALA C 29 40.61 -25.59 -13.81
C ALA C 29 41.42 -24.71 -12.85
N GLU C 30 42.18 -25.34 -11.94
CA GLU C 30 42.98 -24.56 -11.01
C GLU C 30 44.05 -23.74 -11.73
N GLN C 31 44.71 -24.33 -12.74
CA GLN C 31 45.73 -23.61 -13.48
C GLN C 31 45.14 -22.41 -14.21
N LEU C 32 43.97 -22.58 -14.84
CA LEU C 32 43.34 -21.45 -15.53
C LEU C 32 42.94 -20.37 -14.55
N LYS C 33 42.40 -20.73 -13.38
CA LYS C 33 42.01 -19.70 -12.42
C LYS C 33 43.24 -18.90 -11.98
N ASN C 34 44.35 -19.57 -11.71
CA ASN C 34 45.56 -18.85 -11.31
C ASN C 34 46.04 -17.95 -12.44
N GLN C 35 45.95 -18.45 -13.67
CA GLN C 35 46.38 -17.68 -14.87
C GLN C 35 45.53 -16.40 -14.99
N ILE C 36 44.21 -16.53 -14.80
CA ILE C 36 43.31 -15.38 -14.91
C ILE C 36 43.62 -14.35 -13.84
N ARG C 37 43.87 -14.81 -12.60
CA ARG C 37 44.20 -13.86 -11.53
C ARG C 37 45.51 -13.15 -11.83
N ASP C 38 46.50 -13.89 -12.35
CA ASP C 38 47.79 -13.27 -12.64
C ASP C 38 47.65 -12.24 -13.75
N ALA C 39 46.79 -12.51 -14.74
CA ALA C 39 46.65 -11.61 -15.86
C ALA C 39 45.92 -10.35 -15.45
N ARG C 40 44.84 -10.48 -14.68
CA ARG C 40 44.09 -9.31 -14.26
C ARG C 40 44.81 -8.52 -13.16
N LYS C 41 45.83 -9.10 -12.52
CA LYS C 41 46.62 -8.34 -11.55
C LYS C 41 47.88 -7.72 -12.16
N ALA C 42 47.93 -7.61 -13.49
CA ALA C 42 49.02 -6.90 -14.12
C ALA C 42 48.59 -5.54 -14.64
N CYS C 43 47.28 -5.27 -14.65
CA CYS C 43 46.74 -4.02 -15.15
C CYS C 43 46.55 -2.98 -14.07
N ALA C 44 46.31 -3.39 -12.83
CA ALA C 44 46.01 -2.42 -11.79
C ALA C 44 47.26 -1.65 -11.36
N ASP C 45 47.57 -0.57 -12.06
CA ASP C 45 48.71 0.24 -11.67
C ASP C 45 48.36 1.31 -10.63
N ALA C 46 47.18 1.91 -10.75
CA ALA C 46 46.75 2.94 -9.80
C ALA C 46 45.30 2.74 -9.41
N THR C 47 44.99 2.94 -8.14
CA THR C 47 43.62 2.80 -7.69
C THR C 47 42.79 3.98 -8.17
N LEU C 48 41.50 3.95 -7.88
CA LEU C 48 40.63 5.05 -8.27
C LEU C 48 40.75 6.20 -7.30
N SER C 49 40.79 5.92 -6.00
CA SER C 49 40.75 6.98 -5.01
C SER C 49 42.02 7.80 -4.98
N GLN C 50 43.02 7.37 -5.75
CA GLN C 50 44.35 8.03 -5.84
C GLN C 50 44.40 8.89 -7.11
N ILE C 51 43.45 8.69 -8.04
CA ILE C 51 43.38 9.47 -9.26
C ILE C 51 42.48 10.68 -9.12
N THR C 52 41.38 10.55 -8.37
CA THR C 52 40.40 11.61 -8.16
C THR C 52 40.60 12.32 -6.82
N ASN C 53 41.84 12.52 -6.38
CA ASN C 53 42.05 13.20 -5.10
C ASN C 53 41.71 14.68 -5.19
N ASN C 54 42.23 15.37 -6.21
CA ASN C 54 42.02 16.80 -6.33
C ASN C 54 40.73 17.08 -7.12
N ILE C 55 39.61 16.83 -6.46
CA ILE C 55 38.28 17.05 -7.02
C ILE C 55 37.44 17.75 -5.97
N ASP C 56 36.77 18.83 -6.36
CA ASP C 56 35.90 19.55 -5.43
C ASP C 56 34.74 18.67 -4.98
N PRO C 57 34.51 18.51 -3.69
CA PRO C 57 33.49 17.57 -3.22
C PRO C 57 32.09 18.09 -3.50
N VAL C 58 31.08 17.31 -3.13
CA VAL C 58 29.70 17.70 -3.39
C VAL C 58 29.12 18.59 -2.29
N GLY C 59 29.54 18.40 -1.05
CA GLY C 59 29.02 19.19 0.05
C GLY C 59 27.92 18.45 0.81
N ARG C 60 26.80 19.14 1.02
CA ARG C 60 25.66 18.54 1.70
C ARG C 60 24.41 18.91 0.91
N ILE C 61 23.56 17.92 0.71
CA ILE C 61 22.30 18.05 -0.02
C ILE C 61 21.18 17.61 0.89
N GLN C 62 20.01 18.25 0.73
CA GLN C 62 18.83 17.93 1.57
C GLN C 62 17.59 17.86 0.69
N MET C 63 16.89 16.72 0.74
CA MET C 63 15.67 16.49 -0.07
C MET C 63 14.49 16.26 0.89
N ARG C 64 13.46 17.10 0.78
CA ARG C 64 12.25 16.99 1.63
C ARG C 64 11.20 16.23 0.82
N THR C 65 10.47 15.30 1.46
CA THR C 65 9.41 14.52 0.76
C THR C 65 8.42 15.51 0.13
N ARG C 66 8.16 15.38 -1.17
CA ARG C 66 7.23 16.31 -1.87
C ARG C 66 5.84 15.71 -1.96
N ARG C 67 5.74 14.37 -1.97
CA ARG C 67 4.42 13.74 -2.07
C ARG C 67 4.42 12.41 -1.34
N THR C 68 3.22 11.92 -1.06
CA THR C 68 3.04 10.57 -0.52
C THR C 68 1.76 9.98 -1.07
N LEU C 69 1.89 8.88 -1.80
CA LEU C 69 0.77 8.29 -2.52
C LEU C 69 0.28 7.11 -1.71
N ARG C 70 -0.88 7.26 -1.08
CA ARG C 70 -1.42 6.21 -0.22
C ARG C 70 -2.62 5.54 -0.88
N GLY C 71 -2.96 4.35 -0.40
CA GLY C 71 -4.08 3.60 -0.92
C GLY C 71 -3.91 2.09 -1.00
N HIS C 72 -2.74 1.58 -0.63
CA HIS C 72 -2.50 0.15 -0.56
C HIS C 72 -2.82 -0.34 0.85
N LEU C 73 -3.18 -1.62 0.97
CA LEU C 73 -3.54 -2.18 2.26
C LEU C 73 -2.60 -3.30 2.69
N ALA C 74 -1.38 -3.32 2.19
CA ALA C 74 -0.39 -4.31 2.60
C ALA C 74 0.98 -3.76 2.23
N LYS C 75 1.98 -4.65 2.20
CA LYS C 75 3.37 -4.26 1.86
C LYS C 75 3.50 -3.98 0.36
N ILE C 76 4.52 -3.21 -0.03
CA ILE C 76 4.77 -2.89 -1.47
C ILE C 76 6.06 -3.62 -1.86
N TYR C 77 6.04 -4.34 -2.99
CA TYR C 77 7.22 -5.14 -3.40
C TYR C 77 7.85 -4.64 -4.71
N ALA C 78 7.22 -3.75 -5.47
CA ALA C 78 7.84 -3.41 -6.74
C ALA C 78 7.37 -2.02 -7.17
N MET C 79 8.02 -1.48 -8.20
CA MET C 79 7.74 -0.15 -8.71
C MET C 79 8.54 0.06 -9.99
N HIS C 80 8.00 0.86 -10.91
CA HIS C 80 8.71 1.15 -12.19
C HIS C 80 8.17 2.45 -12.79
N TRP C 81 9.05 3.41 -13.07
CA TRP C 81 8.67 4.70 -13.69
C TRP C 81 8.30 4.50 -15.16
N GLY C 82 7.42 5.35 -15.70
CA GLY C 82 7.04 5.29 -17.12
C GLY C 82 8.08 6.00 -17.97
N THR C 83 8.09 5.77 -19.29
CA THR C 83 9.09 6.43 -20.16
C THR C 83 8.84 7.94 -20.17
N ASP C 84 7.57 8.34 -20.01
CA ASP C 84 7.16 9.77 -19.94
C ASP C 84 7.67 10.41 -18.65
N SER C 85 7.81 9.59 -17.58
CA SER C 85 8.28 9.93 -16.22
C SER C 85 7.20 10.64 -15.39
N ARG C 86 5.94 10.57 -15.84
CA ARG C 86 4.83 11.21 -15.09
C ARG C 86 3.93 10.14 -14.46
N LEU C 87 4.00 8.89 -14.94
CA LEU C 87 3.17 7.80 -14.39
C LEU C 87 4.04 6.70 -13.79
N LEU C 88 3.46 5.82 -12.98
CA LEU C 88 4.21 4.71 -12.39
C LEU C 88 3.28 3.59 -11.93
N VAL C 89 3.81 2.37 -11.90
CA VAL C 89 3.08 1.18 -11.46
C VAL C 89 3.51 0.87 -10.04
N SER C 90 2.70 0.09 -9.32
CA SER C 90 3.11 -0.39 -8.01
C SER C 90 2.31 -1.63 -7.66
N ALA C 91 2.99 -2.71 -7.28
CA ALA C 91 2.37 -3.99 -7.01
C ALA C 91 2.45 -4.35 -5.54
N SER C 92 1.32 -4.79 -4.97
CA SER C 92 1.28 -5.08 -3.55
C SER C 92 0.92 -6.54 -3.32
N GLN C 93 1.07 -6.96 -2.06
CA GLN C 93 0.78 -8.33 -1.65
C GLN C 93 -0.69 -8.59 -1.39
N ASP C 94 -1.51 -7.55 -1.54
CA ASP C 94 -2.99 -7.67 -1.38
C ASP C 94 -3.60 -8.19 -2.69
N GLY C 95 -2.76 -8.43 -3.70
CA GLY C 95 -3.21 -8.97 -5.00
C GLY C 95 -3.64 -7.91 -5.99
N LYS C 96 -3.29 -6.64 -5.76
CA LYS C 96 -3.73 -5.57 -6.72
C LYS C 96 -2.55 -4.72 -7.22
N LEU C 97 -2.66 -4.27 -8.46
CA LEU C 97 -1.65 -3.41 -9.14
C LEU C 97 -2.30 -2.04 -9.38
N ILE C 98 -1.64 -0.94 -8.99
CA ILE C 98 -2.25 0.42 -9.18
C ILE C 98 -1.32 1.30 -10.03
N ILE C 99 -1.88 1.98 -11.03
CA ILE C 99 -1.13 2.92 -11.90
C ILE C 99 -1.44 4.33 -11.40
N TRP C 100 -0.42 5.09 -10.99
CA TRP C 100 -0.64 6.44 -10.40
C TRP C 100 -0.18 7.55 -11.33
N ASP C 101 -0.75 8.75 -11.15
CA ASP C 101 -0.32 9.97 -11.87
C ASP C 101 0.43 10.79 -10.83
N SER C 102 1.74 10.98 -11.00
CA SER C 102 2.57 11.66 -9.96
C SER C 102 2.20 13.12 -9.71
N TYR C 103 1.89 13.88 -10.76
CA TYR C 103 1.59 15.33 -10.62
C TYR C 103 0.33 15.59 -9.78
N THR C 104 -0.77 14.86 -10.03
CA THR C 104 -2.04 15.11 -9.29
C THR C 104 -2.33 14.04 -8.23
N THR C 105 -1.46 13.03 -8.09
CA THR C 105 -1.69 11.94 -7.11
C THR C 105 -3.06 11.28 -7.32
N ASN C 106 -3.43 11.00 -8.58
CA ASN C 106 -4.73 10.37 -8.93
C ASN C 106 -4.47 8.93 -9.40
N LYS C 107 -5.45 8.03 -9.24
CA LYS C 107 -5.28 6.63 -9.68
C LYS C 107 -5.91 6.47 -11.07
N VAL C 108 -5.07 6.35 -12.11
CA VAL C 108 -5.56 6.18 -13.50
C VAL C 108 -6.26 4.83 -13.68
N HIS C 109 -5.68 3.75 -13.13
CA HIS C 109 -6.26 2.39 -13.29
C HIS C 109 -6.04 1.54 -12.04
N ALA C 110 -6.92 0.58 -11.81
CA ALA C 110 -6.79 -0.41 -10.71
C ALA C 110 -6.93 -1.81 -11.32
N ILE C 111 -5.94 -2.68 -11.10
CA ILE C 111 -5.99 -4.04 -11.72
C ILE C 111 -5.93 -5.12 -10.62
N PRO C 112 -6.85 -6.10 -10.60
CA PRO C 112 -6.84 -7.16 -9.61
C PRO C 112 -6.15 -8.40 -10.19
N LEU C 113 -5.18 -8.96 -9.46
CA LEU C 113 -4.41 -10.14 -9.94
C LEU C 113 -5.05 -11.45 -9.48
N ARG C 114 -4.88 -12.52 -10.28
CA ARG C 114 -5.43 -13.87 -9.97
C ARG C 114 -4.75 -14.42 -8.71
N SER C 115 -3.43 -14.23 -8.59
CA SER C 115 -2.66 -14.75 -7.43
C SER C 115 -2.18 -13.59 -6.55
N SER C 116 -2.46 -13.65 -5.25
CA SER C 116 -2.10 -12.58 -4.30
C SER C 116 -0.58 -12.39 -4.21
N TRP C 117 0.21 -13.47 -4.26
CA TRP C 117 1.68 -13.36 -4.15
C TRP C 117 2.26 -12.77 -5.45
N VAL C 118 3.09 -11.72 -5.31
CA VAL C 118 3.73 -11.02 -6.47
C VAL C 118 5.06 -10.45 -5.98
N MET C 119 6.13 -10.59 -6.77
CA MET C 119 7.43 -10.08 -6.39
C MET C 119 8.08 -9.20 -7.41
N THR C 120 7.42 -8.89 -8.54
CA THR C 120 8.06 -8.09 -9.57
C THR C 120 7.01 -7.30 -10.34
N CYS C 121 7.47 -6.45 -11.25
CA CYS C 121 6.60 -5.56 -12.02
C CYS C 121 7.44 -4.85 -13.07
N ALA C 122 6.80 -4.43 -14.17
CA ALA C 122 7.50 -3.74 -15.25
C ALA C 122 6.51 -2.91 -16.05
N TYR C 123 7.05 -1.89 -16.75
CA TYR C 123 6.25 -0.98 -17.62
C TYR C 123 6.91 -0.95 -19.00
N ALA C 124 6.14 -1.27 -20.04
CA ALA C 124 6.68 -1.32 -21.40
C ALA C 124 7.17 0.05 -21.86
N PRO C 125 8.24 0.09 -22.66
CA PRO C 125 8.80 1.38 -23.09
C PRO C 125 7.86 2.23 -23.92
N SER C 126 6.91 1.63 -24.64
CA SER C 126 5.95 2.43 -25.40
C SER C 126 4.82 2.92 -24.53
N GLY C 127 4.35 2.10 -23.60
CA GLY C 127 3.29 2.45 -22.70
C GLY C 127 2.00 1.72 -22.91
N ASN C 128 2.02 0.60 -23.61
CA ASN C 128 0.81 -0.15 -23.89
C ASN C 128 0.63 -1.39 -23.03
N TYR C 129 1.67 -1.89 -22.37
CA TYR C 129 1.61 -3.15 -21.66
C TYR C 129 2.23 -3.01 -20.28
N VAL C 130 1.80 -3.86 -19.35
CA VAL C 130 2.54 -4.07 -18.12
C VAL C 130 2.65 -5.57 -17.89
N ALA C 131 3.51 -5.97 -16.96
CA ALA C 131 3.72 -7.39 -16.75
C ALA C 131 3.98 -7.65 -15.28
N CYS C 132 3.65 -8.85 -14.83
CA CYS C 132 3.93 -9.18 -13.43
C CYS C 132 3.96 -10.67 -13.22
N GLY C 133 4.71 -11.10 -12.21
CA GLY C 133 4.79 -12.51 -11.87
C GLY C 133 5.23 -12.66 -10.43
N GLY C 134 5.18 -13.89 -9.93
CA GLY C 134 5.46 -14.09 -8.53
C GLY C 134 5.78 -15.50 -8.11
N LEU C 135 5.19 -15.93 -7.01
CA LEU C 135 5.44 -17.25 -6.45
C LEU C 135 4.65 -18.34 -7.13
N ASP C 136 4.13 -18.12 -8.34
CA ASP C 136 3.41 -19.13 -9.08
C ASP C 136 4.11 -19.55 -10.36
N ASN C 137 5.32 -19.03 -10.62
CA ASN C 137 6.17 -19.36 -11.75
C ASN C 137 5.62 -18.94 -13.11
N ILE C 138 4.62 -18.07 -13.17
CA ILE C 138 4.01 -17.65 -14.42
C ILE C 138 4.17 -16.14 -14.55
N CYS C 139 4.53 -15.64 -15.73
CA CYS C 139 4.66 -14.21 -15.98
C CYS C 139 3.51 -13.77 -16.88
N SER C 140 2.59 -12.96 -16.36
CA SER C 140 1.39 -12.57 -17.08
C SER C 140 1.52 -11.16 -17.63
N ILE C 141 0.97 -10.94 -18.83
CA ILE C 141 1.09 -9.67 -19.55
C ILE C 141 -0.29 -9.06 -19.72
N TYR C 142 -0.44 -7.78 -19.34
CA TYR C 142 -1.69 -7.05 -19.44
C TYR C 142 -1.61 -5.94 -20.48
N ASN C 143 -2.70 -5.76 -21.22
CA ASN C 143 -2.77 -4.78 -22.29
C ASN C 143 -3.70 -3.63 -21.86
N LEU C 144 -3.27 -2.40 -22.11
CA LEU C 144 -3.84 -1.21 -21.50
C LEU C 144 -4.77 -0.43 -22.43
N LYS C 145 -4.41 -0.30 -23.69
CA LYS C 145 -5.10 0.56 -24.64
C LYS C 145 -5.95 -0.32 -25.54
N THR C 146 -7.19 -0.58 -25.12
CA THR C 146 -8.09 -1.40 -25.90
C THR C 146 -9.44 -0.71 -26.04
N ARG C 147 -10.27 -1.25 -26.92
CA ARG C 147 -11.66 -0.86 -26.95
C ARG C 147 -12.34 -1.39 -25.70
N GLU C 148 -13.58 -0.97 -25.48
CA GLU C 148 -14.42 -1.40 -24.36
C GLU C 148 -13.97 -0.83 -23.03
N GLY C 149 -12.85 -0.12 -22.96
CA GLY C 149 -12.39 0.46 -21.71
C GLY C 149 -12.11 -0.54 -20.62
N ASN C 150 -11.37 -1.60 -20.97
CA ASN C 150 -11.03 -2.69 -20.07
C ASN C 150 -9.53 -2.85 -19.98
N VAL C 151 -9.08 -3.64 -19.00
CA VAL C 151 -7.68 -4.02 -18.86
C VAL C 151 -7.65 -5.53 -18.67
N ARG C 152 -7.39 -6.27 -19.74
CA ARG C 152 -7.47 -7.72 -19.78
C ARG C 152 -6.16 -8.35 -20.21
N VAL C 153 -5.95 -9.61 -19.79
CA VAL C 153 -4.71 -10.32 -20.05
C VAL C 153 -4.54 -10.60 -21.54
N SER C 154 -3.31 -10.48 -22.01
CA SER C 154 -2.95 -10.84 -23.38
C SER C 154 -2.32 -12.21 -23.46
N ARG C 155 -1.25 -12.46 -22.71
CA ARG C 155 -0.59 -13.76 -22.69
C ARG C 155 -0.23 -14.14 -21.26
N GLU C 156 -0.07 -15.44 -21.05
CA GLU C 156 0.43 -16.00 -19.80
C GLU C 156 1.65 -16.88 -20.11
N LEU C 157 2.84 -16.32 -19.95
CA LEU C 157 4.08 -16.99 -20.29
C LEU C 157 4.49 -17.97 -19.19
N ALA C 158 4.63 -19.25 -19.54
CA ALA C 158 4.95 -20.29 -18.58
C ALA C 158 6.06 -21.18 -19.12
N GLY C 159 6.70 -21.91 -18.21
CA GLY C 159 7.79 -22.79 -18.56
C GLY C 159 8.96 -22.76 -17.59
N HIS C 160 8.86 -22.00 -16.51
CA HIS C 160 9.90 -21.98 -15.50
C HIS C 160 9.61 -23.04 -14.46
N THR C 161 10.56 -23.29 -13.58
CA THR C 161 10.41 -24.28 -12.53
C THR C 161 10.27 -23.68 -11.14
N GLY C 162 10.93 -22.56 -10.86
CA GLY C 162 10.82 -21.89 -9.57
C GLY C 162 10.21 -20.52 -9.74
N TYR C 163 10.06 -19.82 -8.62
CA TYR C 163 9.45 -18.50 -8.64
C TYR C 163 10.25 -17.52 -9.51
N LEU C 164 9.59 -16.43 -9.91
CA LEU C 164 10.24 -15.37 -10.67
C LEU C 164 10.66 -14.22 -9.79
N SER C 165 11.87 -13.70 -10.02
CA SER C 165 12.39 -12.64 -9.18
C SER C 165 12.52 -11.29 -9.87
N CYS C 166 12.60 -11.23 -11.20
CA CYS C 166 12.67 -9.95 -11.88
C CYS C 166 12.43 -10.15 -13.37
N CYS C 167 11.77 -9.18 -14.01
CA CYS C 167 11.50 -9.27 -15.47
C CYS C 167 11.56 -7.86 -16.07
N ARG C 168 12.30 -7.70 -17.18
CA ARG C 168 12.45 -6.37 -17.83
C ARG C 168 12.00 -6.47 -19.29
N PHE C 169 11.24 -5.46 -19.75
CA PHE C 169 10.71 -5.39 -21.13
C PHE C 169 11.80 -4.92 -22.09
N LEU C 170 11.93 -5.61 -23.23
CA LEU C 170 12.91 -5.29 -24.26
C LEU C 170 12.28 -4.52 -25.43
N ASP C 171 11.17 -5.00 -25.96
CA ASP C 171 10.38 -4.34 -27.00
C ASP C 171 8.92 -4.58 -26.65
N ASP C 172 8.02 -4.36 -27.60
CA ASP C 172 6.64 -4.77 -27.37
C ASP C 172 6.42 -6.24 -27.63
N ASN C 173 7.49 -7.00 -27.92
CA ASN C 173 7.33 -8.42 -28.21
C ASN C 173 8.41 -9.30 -27.58
N GLN C 174 9.31 -8.77 -26.76
CA GLN C 174 10.36 -9.59 -26.17
C GLN C 174 10.50 -9.28 -24.69
N ILE C 175 10.74 -10.33 -23.90
CA ILE C 175 10.98 -10.18 -22.46
C ILE C 175 12.19 -11.02 -22.06
N VAL C 176 12.88 -10.59 -21.00
CA VAL C 176 13.91 -11.40 -20.35
C VAL C 176 13.50 -11.58 -18.90
N THR C 177 13.52 -12.83 -18.44
CA THR C 177 13.04 -13.14 -17.09
C THR C 177 14.11 -13.92 -16.35
N SER C 178 14.18 -13.69 -15.05
CA SER C 178 15.12 -14.37 -14.15
C SER C 178 14.33 -15.10 -13.09
N SER C 179 14.49 -16.42 -13.04
CA SER C 179 13.73 -17.23 -12.11
C SER C 179 14.56 -17.63 -10.90
N GLY C 180 14.00 -18.47 -10.06
CA GLY C 180 14.68 -18.93 -8.87
C GLY C 180 15.16 -20.36 -8.97
N ASP C 181 15.31 -20.85 -10.19
CA ASP C 181 15.86 -22.17 -10.44
C ASP C 181 17.17 -22.05 -11.21
N THR C 182 17.90 -20.95 -11.00
CA THR C 182 19.23 -20.74 -11.54
C THR C 182 19.23 -20.68 -13.07
N THR C 183 18.41 -19.82 -13.65
CA THR C 183 18.39 -19.71 -15.10
C THR C 183 17.69 -18.41 -15.52
N CYS C 184 18.07 -17.89 -16.68
CA CYS C 184 17.36 -16.77 -17.27
C CYS C 184 16.88 -17.14 -18.67
N ALA C 185 15.82 -16.49 -19.13
CA ALA C 185 15.25 -16.85 -20.42
C ALA C 185 14.81 -15.62 -21.19
N LEU C 186 14.78 -15.73 -22.53
CA LEU C 186 14.30 -14.67 -23.42
C LEU C 186 13.09 -15.14 -24.19
N TRP C 187 11.93 -14.57 -23.89
CA TRP C 187 10.64 -14.94 -24.48
C TRP C 187 10.25 -14.04 -25.64
N ASP C 188 9.66 -14.64 -26.66
CA ASP C 188 8.95 -13.91 -27.72
C ASP C 188 7.46 -14.00 -27.45
N ILE C 189 6.82 -12.85 -27.21
CA ILE C 189 5.48 -12.83 -26.62
C ILE C 189 4.43 -13.42 -27.55
N GLU C 190 4.53 -13.17 -28.85
CA GLU C 190 3.47 -13.56 -29.77
C GLU C 190 3.32 -15.07 -29.83
N THR C 191 4.42 -15.77 -30.10
CA THR C 191 4.37 -17.23 -30.18
C THR C 191 4.14 -17.85 -28.80
N GLY C 192 4.77 -17.31 -27.76
CA GLY C 192 4.60 -17.80 -26.42
C GLY C 192 5.65 -18.74 -25.87
N GLN C 193 6.70 -19.03 -26.62
CA GLN C 193 7.73 -19.96 -26.19
C GLN C 193 9.10 -19.30 -26.18
N GLN C 194 9.97 -19.80 -25.30
CA GLN C 194 11.30 -19.21 -25.16
C GLN C 194 12.07 -19.38 -26.46
N THR C 195 13.01 -18.47 -26.70
CA THR C 195 13.95 -18.63 -27.78
C THR C 195 15.40 -18.76 -27.35
N THR C 196 15.73 -18.44 -26.10
CA THR C 196 17.09 -18.55 -25.61
C THR C 196 17.06 -18.74 -24.10
N THR C 197 17.95 -19.61 -23.60
CA THR C 197 18.06 -19.88 -22.15
C THR C 197 19.52 -19.73 -21.71
N PHE C 198 19.78 -18.88 -20.72
CA PHE C 198 21.16 -18.64 -20.21
C PHE C 198 21.37 -19.47 -18.94
N THR C 199 22.44 -20.26 -18.91
CA THR C 199 22.73 -21.17 -17.76
C THR C 199 24.18 -21.00 -17.30
N GLY C 200 24.50 -21.52 -16.12
CA GLY C 200 25.86 -21.42 -15.55
C GLY C 200 25.84 -20.90 -14.12
N HIS C 201 24.67 -20.48 -13.62
CA HIS C 201 24.54 -19.98 -12.23
C HIS C 201 24.37 -21.18 -11.29
N THR C 202 24.84 -21.05 -10.04
CA THR C 202 24.75 -22.09 -9.04
C THR C 202 23.77 -21.80 -7.92
N GLY C 203 23.15 -20.61 -7.92
CA GLY C 203 22.16 -20.28 -6.91
C GLY C 203 21.02 -19.51 -7.55
N ASP C 204 20.02 -19.21 -6.72
CA ASP C 204 18.87 -18.46 -7.21
C ASP C 204 19.33 -17.14 -7.79
N VAL C 205 18.72 -16.75 -8.90
CA VAL C 205 19.04 -15.48 -9.55
C VAL C 205 18.10 -14.42 -9.00
N MET C 206 18.65 -13.40 -8.34
CA MET C 206 17.80 -12.39 -7.65
C MET C 206 17.60 -11.08 -8.44
N SER C 207 18.59 -10.62 -9.20
CA SER C 207 18.39 -9.32 -9.90
C SER C 207 18.84 -9.38 -11.37
N LEU C 208 18.23 -8.54 -12.21
CA LEU C 208 18.53 -8.49 -13.65
C LEU C 208 18.55 -7.02 -14.10
N SER C 209 19.59 -6.60 -14.82
CA SER C 209 19.69 -5.19 -15.28
C SER C 209 20.00 -5.15 -16.79
N LEU C 210 19.28 -4.33 -17.54
CA LEU C 210 19.52 -4.20 -19.01
C LEU C 210 20.54 -3.08 -19.27
N ALA C 211 20.95 -2.90 -20.53
CA ALA C 211 21.91 -1.87 -20.89
C ALA C 211 21.22 -0.80 -21.72
N PRO C 212 21.74 0.43 -21.72
CA PRO C 212 21.13 1.46 -22.56
C PRO C 212 21.12 1.14 -24.06
N ASP C 213 22.04 0.30 -24.53
CA ASP C 213 22.02 -0.13 -25.92
C ASP C 213 21.11 -1.32 -26.16
N THR C 214 20.78 -2.07 -25.10
CA THR C 214 19.95 -3.27 -25.15
C THR C 214 20.56 -4.36 -26.03
N ARG C 215 21.86 -4.58 -25.87
CA ARG C 215 22.55 -5.70 -26.49
C ARG C 215 23.24 -6.60 -25.49
N LEU C 216 23.41 -6.16 -24.24
CA LEU C 216 23.99 -6.96 -23.17
C LEU C 216 23.17 -6.77 -21.92
N PHE C 217 23.29 -7.68 -20.96
CA PHE C 217 22.63 -7.47 -19.68
C PHE C 217 23.36 -8.22 -18.58
N VAL C 218 23.30 -7.71 -17.34
CA VAL C 218 24.04 -8.33 -16.24
C VAL C 218 23.06 -8.94 -15.26
N SER C 219 23.50 -9.99 -14.57
CA SER C 219 22.65 -10.70 -13.65
C SER C 219 23.37 -11.02 -12.35
N GLY C 220 22.62 -10.97 -11.24
CA GLY C 220 23.18 -11.24 -9.92
C GLY C 220 22.46 -12.27 -9.07
N ALA C 221 23.19 -13.24 -8.52
CA ALA C 221 22.66 -14.43 -7.88
C ALA C 221 23.06 -14.53 -6.41
N CYS C 222 22.77 -15.68 -5.80
CA CYS C 222 22.96 -15.91 -4.37
C CYS C 222 24.23 -16.70 -4.06
N ASP C 223 25.15 -16.84 -5.01
CA ASP C 223 26.43 -17.44 -4.71
C ASP C 223 27.54 -16.41 -4.78
N ALA C 224 27.19 -15.13 -4.63
CA ALA C 224 28.13 -14.02 -4.55
C ALA C 224 28.96 -13.87 -5.83
N SER C 225 28.28 -13.77 -6.97
CA SER C 225 28.98 -13.58 -8.24
C SER C 225 28.01 -13.04 -9.27
N ALA C 226 28.42 -12.02 -10.01
CA ALA C 226 27.60 -11.41 -11.04
C ALA C 226 28.18 -11.77 -12.40
N LYS C 227 27.32 -11.79 -13.42
CA LYS C 227 27.75 -12.20 -14.74
C LYS C 227 27.27 -11.23 -15.81
N LEU C 228 27.98 -11.20 -16.94
CA LEU C 228 27.66 -10.34 -18.08
C LEU C 228 27.24 -11.21 -19.26
N TRP C 229 25.98 -11.13 -19.66
CA TRP C 229 25.39 -12.01 -20.66
C TRP C 229 25.18 -11.26 -21.97
N ASP C 230 25.30 -11.99 -23.07
CA ASP C 230 25.02 -11.48 -24.41
C ASP C 230 23.64 -11.96 -24.83
N VAL C 231 22.91 -11.13 -25.56
CA VAL C 231 21.50 -11.39 -25.83
C VAL C 231 21.31 -12.29 -27.04
N ARG C 232 21.99 -12.02 -28.16
CA ARG C 232 21.72 -12.77 -29.39
C ARG C 232 22.44 -14.12 -29.40
N GLU C 233 23.75 -14.11 -29.12
CA GLU C 233 24.51 -15.35 -29.09
C GLU C 233 24.02 -16.30 -28.00
N GLY C 234 23.86 -15.80 -26.78
CA GLY C 234 23.32 -16.62 -25.71
C GLY C 234 24.36 -17.30 -24.84
N MET C 235 25.53 -16.70 -24.65
CA MET C 235 26.60 -17.31 -23.87
C MET C 235 27.25 -16.31 -22.94
N CYS C 236 27.60 -16.78 -21.74
CA CYS C 236 28.24 -15.94 -20.74
C CYS C 236 29.55 -15.37 -21.27
N ARG C 237 29.85 -14.14 -20.88
CA ARG C 237 31.02 -13.43 -21.38
C ARG C 237 32.05 -13.19 -20.29
N GLN C 238 31.66 -12.68 -19.13
CA GLN C 238 32.57 -12.43 -18.02
C GLN C 238 31.87 -12.72 -16.70
N THR C 239 32.64 -13.05 -15.67
CA THR C 239 32.13 -13.33 -14.33
C THR C 239 32.95 -12.56 -13.31
N PHE C 240 32.26 -11.84 -12.42
CA PHE C 240 32.88 -11.03 -11.37
C PHE C 240 32.51 -11.56 -10.00
N THR C 241 33.51 -11.69 -9.12
CA THR C 241 33.25 -12.21 -7.76
C THR C 241 34.06 -11.41 -6.73
N GLY C 242 33.38 -10.66 -5.86
CA GLY C 242 34.05 -9.91 -4.82
C GLY C 242 33.35 -9.77 -3.48
N HIS C 243 32.22 -10.46 -3.30
CA HIS C 243 31.35 -10.30 -2.15
C HIS C 243 31.46 -11.48 -1.20
N GLU C 244 30.96 -11.28 0.03
CA GLU C 244 30.96 -12.30 1.04
C GLU C 244 29.63 -13.00 1.20
N SER C 245 28.52 -12.43 0.70
CA SER C 245 27.21 -13.09 0.81
C SER C 245 26.44 -12.84 -0.48
N ASP C 246 25.17 -13.23 -0.48
CA ASP C 246 24.31 -13.12 -1.64
C ASP C 246 24.09 -11.66 -2.07
N ILE C 247 23.68 -11.48 -3.32
CA ILE C 247 23.47 -10.17 -3.92
C ILE C 247 21.98 -9.95 -4.18
N ASN C 248 21.49 -8.75 -3.85
CA ASN C 248 20.06 -8.46 -3.90
C ASN C 248 19.68 -7.37 -4.89
N ALA C 249 20.64 -6.67 -5.48
CA ALA C 249 20.31 -5.61 -6.42
C ALA C 249 21.48 -5.39 -7.36
N ILE C 250 21.22 -4.72 -8.47
CA ILE C 250 22.25 -4.45 -9.48
C ILE C 250 21.74 -3.34 -10.39
N CYS C 251 22.66 -2.55 -10.94
CA CYS C 251 22.31 -1.39 -11.78
C CYS C 251 23.32 -1.30 -12.92
N PHE C 252 23.32 -0.14 -13.58
CA PHE C 252 24.25 0.07 -14.71
C PHE C 252 24.59 1.56 -14.76
N PHE C 253 25.89 1.89 -14.83
CA PHE C 253 26.32 3.27 -14.98
C PHE C 253 25.73 3.87 -16.26
N PRO C 254 25.32 5.13 -16.25
CA PRO C 254 24.67 5.70 -17.45
C PRO C 254 25.51 5.64 -18.69
N ASN C 255 26.81 5.44 -18.56
CA ASN C 255 27.68 5.31 -19.71
C ASN C 255 27.58 3.94 -20.35
N GLY C 256 27.26 2.91 -19.58
CA GLY C 256 27.20 1.56 -20.09
C GLY C 256 28.51 0.79 -19.97
N ASN C 257 29.41 1.22 -19.10
CA ASN C 257 30.71 0.58 -18.93
C ASN C 257 31.07 0.39 -17.46
N ALA C 258 30.09 0.19 -16.58
CA ALA C 258 30.33 -0.04 -15.18
C ALA C 258 29.00 -0.37 -14.52
N PHE C 259 29.05 -1.07 -13.39
CA PHE C 259 27.81 -1.37 -12.69
C PHE C 259 28.07 -1.56 -11.21
N ALA C 260 27.06 -1.23 -10.41
CA ALA C 260 27.15 -1.26 -8.96
C ALA C 260 26.25 -2.35 -8.38
N THR C 261 26.75 -3.08 -7.39
CA THR C 261 26.00 -4.17 -6.79
C THR C 261 25.87 -3.99 -5.28
N GLY C 262 24.81 -4.57 -4.72
CA GLY C 262 24.57 -4.49 -3.28
C GLY C 262 24.19 -5.83 -2.69
N SER C 263 24.77 -6.12 -1.52
CA SER C 263 24.66 -7.45 -0.91
C SER C 263 24.20 -7.43 0.55
N ASP C 264 24.28 -8.60 1.19
CA ASP C 264 23.84 -8.79 2.60
C ASP C 264 25.00 -8.48 3.57
N ASP C 265 26.13 -8.02 3.04
CA ASP C 265 27.31 -7.68 3.88
C ASP C 265 27.26 -6.18 4.22
N ALA C 266 26.12 -5.55 3.94
CA ALA C 266 25.91 -4.10 4.20
C ALA C 266 27.03 -3.29 3.52
N THR C 267 27.34 -3.60 2.26
CA THR C 267 28.41 -2.91 1.49
C THR C 267 28.03 -2.90 0.01
N CYS C 268 28.44 -1.86 -0.72
CA CYS C 268 28.16 -1.77 -2.18
C CYS C 268 29.50 -1.84 -2.92
N ARG C 269 29.49 -2.21 -4.20
CA ARG C 269 30.75 -2.29 -4.94
C ARG C 269 30.54 -1.84 -6.38
N LEU C 270 31.56 -1.22 -6.97
CA LEU C 270 31.50 -0.72 -8.35
C LEU C 270 32.46 -1.46 -9.27
N PHE C 271 31.94 -2.41 -10.05
CA PHE C 271 32.74 -3.19 -10.98
C PHE C 271 32.83 -2.52 -12.35
N ASP C 272 33.93 -2.81 -13.04
CA ASP C 272 34.24 -2.24 -14.34
C ASP C 272 34.34 -3.34 -15.38
N LEU C 273 33.99 -2.99 -16.62
CA LEU C 273 33.90 -3.98 -17.70
C LEU C 273 35.22 -4.14 -18.44
N ARG C 274 35.79 -3.04 -18.94
CA ARG C 274 36.99 -3.18 -19.75
C ARG C 274 38.20 -3.57 -18.90
N ALA C 275 38.34 -3.01 -17.71
CA ALA C 275 39.44 -3.39 -16.83
C ALA C 275 39.21 -4.74 -16.16
N ASP C 276 37.97 -5.24 -16.15
CA ASP C 276 37.55 -6.56 -15.69
C ASP C 276 37.52 -6.73 -14.17
N GLN C 277 37.95 -5.76 -13.38
CA GLN C 277 38.10 -5.95 -11.95
C GLN C 277 37.37 -4.87 -11.16
N GLU C 278 37.09 -5.17 -9.90
CA GLU C 278 36.42 -4.24 -9.01
C GLU C 278 37.25 -2.96 -8.82
N LEU C 279 36.55 -1.83 -8.64
CA LEU C 279 37.20 -0.54 -8.49
C LEU C 279 37.07 0.05 -7.10
N MET C 280 35.87 0.06 -6.51
CA MET C 280 35.68 0.71 -5.23
C MET C 280 34.59 0.03 -4.44
N THR C 281 34.69 0.15 -3.11
CA THR C 281 33.71 -0.41 -2.17
C THR C 281 33.20 0.68 -1.22
N TYR C 282 31.88 0.72 -1.05
CA TYR C 282 31.20 1.67 -0.19
C TYR C 282 30.70 0.94 1.04
N SER C 283 31.22 1.30 2.21
CA SER C 283 30.78 0.64 3.47
C SER C 283 30.99 1.54 4.69
N HIS C 284 30.19 1.33 5.74
CA HIS C 284 30.28 2.12 7.00
C HIS C 284 30.28 1.16 8.20
N ASP C 285 31.06 1.48 9.24
CA ASP C 285 31.16 0.63 10.46
C ASP C 285 29.81 0.57 11.18
N ASN C 286 29.10 1.71 11.27
CA ASN C 286 27.80 1.79 11.99
C ASN C 286 26.73 0.90 11.34
N ILE C 287 26.69 0.84 10.01
CA ILE C 287 25.65 0.02 9.31
C ILE C 287 26.08 -1.44 9.22
N ILE C 288 25.18 -2.37 9.55
CA ILE C 288 25.51 -3.83 9.48
C ILE C 288 24.37 -4.56 8.76
N CYS C 289 23.24 -3.88 8.54
CA CYS C 289 22.07 -4.48 7.84
C CYS C 289 22.33 -4.60 6.33
N GLY C 290 21.66 -5.54 5.67
CA GLY C 290 21.80 -5.77 4.21
C GLY C 290 21.10 -4.71 3.39
N ILE C 291 21.48 -4.58 2.12
CA ILE C 291 20.88 -3.58 1.18
C ILE C 291 19.75 -4.27 0.39
N THR C 292 18.76 -3.50 -0.09
CA THR C 292 17.65 -4.05 -0.84
C THR C 292 17.44 -3.40 -2.20
N SER C 293 18.21 -2.38 -2.58
CA SER C 293 18.04 -1.74 -3.87
C SER C 293 19.27 -0.86 -4.11
N VAL C 294 19.34 -0.32 -5.33
CA VAL C 294 20.42 0.59 -5.69
C VAL C 294 20.00 1.31 -6.97
N SER C 295 20.52 2.51 -7.16
CA SER C 295 20.19 3.34 -8.35
C SER C 295 21.25 4.43 -8.50
N PHE C 296 21.35 4.99 -9.70
CA PHE C 296 22.28 6.09 -9.96
C PHE C 296 21.50 7.37 -10.20
N SER C 297 22.19 8.44 -10.54
CA SER C 297 21.57 9.69 -10.95
C SER C 297 21.69 9.83 -12.47
N LYS C 298 21.16 10.93 -12.99
CA LYS C 298 21.19 11.11 -14.45
C LYS C 298 22.59 11.36 -14.97
N SER C 299 23.41 12.08 -14.22
CA SER C 299 24.79 12.34 -14.66
C SER C 299 25.74 11.24 -14.26
N GLY C 300 25.51 10.59 -13.13
CA GLY C 300 26.33 9.50 -12.66
C GLY C 300 27.16 9.79 -11.44
N ARG C 301 26.91 10.90 -10.74
CA ARG C 301 27.68 11.28 -9.56
C ARG C 301 27.09 10.70 -8.29
N LEU C 302 25.80 10.83 -8.07
CA LEU C 302 25.21 10.31 -6.85
C LEU C 302 24.91 8.82 -7.00
N LEU C 303 24.82 8.11 -5.87
CA LEU C 303 24.44 6.70 -5.86
C LEU C 303 23.54 6.48 -4.65
N LEU C 304 22.26 6.25 -4.90
CA LEU C 304 21.30 6.00 -3.84
C LEU C 304 21.42 4.57 -3.33
N ALA C 305 20.92 4.32 -2.13
CA ALA C 305 20.89 2.97 -1.61
C ALA C 305 19.83 2.85 -0.52
N GLY C 306 19.18 1.69 -0.46
CA GLY C 306 18.11 1.46 0.50
C GLY C 306 18.42 0.30 1.43
N TYR C 307 18.36 0.52 2.75
CA TYR C 307 18.76 -0.46 3.74
C TYR C 307 17.53 -1.03 4.46
N ASP C 308 17.78 -1.90 5.44
CA ASP C 308 16.70 -2.46 6.25
C ASP C 308 16.42 -1.69 7.53
N ASP C 309 17.15 -0.62 7.79
CA ASP C 309 16.92 0.24 8.94
C ASP C 309 15.83 1.25 8.71
N PHE C 310 15.00 1.05 7.69
CA PHE C 310 13.89 1.94 7.36
C PHE C 310 14.36 3.31 6.89
N ASN C 311 15.50 3.42 6.20
CA ASN C 311 15.98 4.70 5.68
C ASN C 311 16.94 4.47 4.52
N CYS C 312 17.19 5.52 3.74
CA CYS C 312 18.07 5.44 2.58
C CYS C 312 19.27 6.39 2.70
N ASN C 313 20.37 6.02 2.05
CA ASN C 313 21.58 6.84 2.06
C ASN C 313 21.96 7.26 0.66
N VAL C 314 22.78 8.32 0.57
CA VAL C 314 23.25 8.86 -0.70
C VAL C 314 24.77 8.93 -0.68
N TRP C 315 25.43 8.23 -1.62
CA TRP C 315 26.88 8.16 -1.67
C TRP C 315 27.42 8.93 -2.85
N ASP C 316 28.48 9.71 -2.61
CA ASP C 316 29.26 10.34 -3.67
C ASP C 316 30.10 9.29 -4.39
N ALA C 317 29.78 9.00 -5.65
CA ALA C 317 30.27 7.80 -6.30
C ALA C 317 31.76 7.84 -6.64
N LEU C 318 32.41 9.01 -6.59
CA LEU C 318 33.83 9.09 -6.92
C LEU C 318 34.73 9.27 -5.71
N LYS C 319 34.16 9.36 -4.51
CA LYS C 319 34.94 9.56 -3.29
C LYS C 319 34.54 8.65 -2.15
N ALA C 320 33.43 7.93 -2.24
CA ALA C 320 32.98 6.99 -1.21
C ALA C 320 32.66 7.66 0.12
N ASP C 321 32.35 8.94 0.12
CA ASP C 321 32.00 9.68 1.33
C ASP C 321 30.52 9.99 1.32
N ARG C 322 29.83 9.64 2.40
CA ARG C 322 28.39 9.87 2.47
C ARG C 322 28.07 11.35 2.24
N ALA C 323 26.85 11.60 1.77
CA ALA C 323 26.45 12.96 1.44
C ALA C 323 25.10 13.35 2.01
N GLY C 324 24.22 12.39 2.26
CA GLY C 324 22.91 12.74 2.75
C GLY C 324 22.10 11.51 3.11
N VAL C 325 21.03 11.72 3.87
CA VAL C 325 20.19 10.58 4.35
C VAL C 325 18.71 10.95 4.27
N LEU C 326 17.89 10.04 3.73
CA LEU C 326 16.41 10.22 3.62
C LEU C 326 15.76 9.26 4.62
N ALA C 327 14.94 9.78 5.56
CA ALA C 327 14.33 8.91 6.59
C ALA C 327 12.86 9.27 6.79
N GLY C 328 11.98 8.82 5.89
CA GLY C 328 10.54 9.13 6.01
C GLY C 328 9.67 7.91 6.22
N HIS C 329 10.25 6.71 6.30
CA HIS C 329 9.45 5.46 6.47
C HIS C 329 9.59 4.92 7.89
N ASP C 330 8.90 3.80 8.19
CA ASP C 330 8.98 3.18 9.54
C ASP C 330 9.41 1.71 9.39
N ASN C 331 9.08 1.06 8.27
CA ASN C 331 9.48 -0.31 7.98
C ASN C 331 10.45 -0.28 6.81
N ARG C 332 11.08 -1.43 6.55
CA ARG C 332 12.17 -1.46 5.60
C ARG C 332 11.71 -1.02 4.22
N VAL C 333 12.65 -0.56 3.41
CA VAL C 333 12.36 -0.07 2.07
C VAL C 333 12.61 -1.20 1.08
N SER C 334 11.63 -1.44 0.21
CA SER C 334 11.73 -2.56 -0.77
C SER C 334 12.30 -2.10 -2.12
N CYS C 335 11.74 -1.05 -2.74
CA CYS C 335 12.22 -0.63 -4.08
C CYS C 335 12.57 0.86 -4.12
N LEU C 336 13.55 1.20 -4.96
CA LEU C 336 14.01 2.60 -5.16
C LEU C 336 14.05 2.87 -6.68
N GLY C 337 13.46 3.98 -7.14
CA GLY C 337 13.44 4.29 -8.58
C GLY C 337 13.77 5.74 -8.87
N VAL C 338 14.47 6.01 -9.99
CA VAL C 338 14.83 7.39 -10.42
C VAL C 338 14.25 7.62 -11.82
N THR C 339 13.63 8.79 -12.06
CA THR C 339 13.00 9.11 -13.36
C THR C 339 14.05 9.39 -14.44
N ASP C 340 13.67 9.25 -15.71
CA ASP C 340 14.59 9.47 -16.86
C ASP C 340 15.08 10.93 -16.84
N ASP C 341 14.17 11.87 -16.58
CA ASP C 341 14.53 13.32 -16.49
C ASP C 341 15.48 13.55 -15.31
N GLY C 342 15.29 12.81 -14.21
CA GLY C 342 16.12 12.95 -13.01
C GLY C 342 15.55 13.99 -12.07
N MET C 343 14.34 14.47 -12.37
CA MET C 343 13.64 15.50 -11.57
C MET C 343 13.32 14.98 -10.16
N ALA C 344 12.89 13.73 -10.02
CA ALA C 344 12.53 13.21 -8.67
C ALA C 344 12.96 11.75 -8.47
N VAL C 345 12.80 11.25 -7.23
CA VAL C 345 13.15 9.87 -6.82
C VAL C 345 12.00 9.32 -5.96
N ALA C 346 11.53 8.09 -6.23
CA ALA C 346 10.41 7.49 -5.48
C ALA C 346 10.89 6.21 -4.77
N THR C 347 10.60 6.08 -3.46
CA THR C 347 11.03 4.87 -2.70
C THR C 347 9.82 4.19 -2.05
N GLY C 348 9.65 2.88 -2.31
CA GLY C 348 8.56 2.07 -1.72
C GLY C 348 8.93 1.56 -0.34
N SER C 349 7.94 1.06 0.42
CA SER C 349 8.23 0.55 1.79
C SER C 349 7.15 -0.46 2.22
N TRP C 350 7.35 -1.08 3.39
CA TRP C 350 6.40 -2.09 3.94
C TRP C 350 5.34 -1.39 4.81
N ASP C 351 5.45 -0.08 4.98
CA ASP C 351 4.46 0.69 5.80
C ASP C 351 3.27 1.09 4.92
N SER C 352 3.19 0.52 3.71
CA SER C 352 2.11 0.71 2.69
C SER C 352 2.14 2.10 2.05
N PHE C 353 3.14 2.93 2.37
CA PHE C 353 3.18 4.30 1.78
C PHE C 353 4.49 4.53 1.03
N LEU C 354 4.40 4.89 -0.25
CA LEU C 354 5.58 5.21 -1.09
C LEU C 354 5.56 6.72 -1.36
N LYS C 355 6.63 7.42 -1.02
CA LYS C 355 6.68 8.90 -1.17
C LYS C 355 7.46 9.29 -2.42
N ILE C 356 7.43 10.58 -2.77
CA ILE C 356 8.19 11.14 -3.93
C ILE C 356 9.04 12.30 -3.41
N TRP C 357 10.36 12.20 -3.57
CA TRP C 357 11.30 13.21 -3.09
C TRP C 357 11.90 13.95 -4.27
N ASN C 358 12.28 15.20 -4.03
CA ASN C 358 12.88 16.07 -5.08
C ASN C 358 14.09 16.80 -4.51
N GLN D 11 30.71 -32.98 -17.18
CA GLN D 11 30.45 -31.57 -16.97
C GLN D 11 31.74 -30.77 -16.90
N ALA D 12 32.80 -31.39 -16.37
CA ALA D 12 34.05 -30.70 -16.20
C ALA D 12 34.61 -30.27 -17.54
N ARG D 13 34.30 -31.02 -18.60
CA ARG D 13 34.75 -30.64 -19.94
C ARG D 13 34.11 -29.32 -20.36
N LYS D 14 32.80 -29.20 -20.15
CA LYS D 14 32.12 -27.93 -20.43
C LYS D 14 32.65 -26.80 -19.57
N LEU D 15 32.93 -27.07 -18.29
CA LEU D 15 33.43 -26.03 -17.40
C LEU D 15 34.80 -25.51 -17.85
N VAL D 16 35.73 -26.40 -18.14
CA VAL D 16 37.06 -25.96 -18.55
C VAL D 16 37.03 -25.35 -19.94
N GLU D 17 36.10 -25.80 -20.79
CA GLU D 17 35.96 -25.16 -22.10
C GLU D 17 35.51 -23.72 -21.93
N GLN D 18 34.55 -23.49 -21.04
CA GLN D 18 34.09 -22.14 -20.73
C GLN D 18 35.21 -21.28 -20.20
N LEU D 19 36.01 -21.82 -19.27
CA LEU D 19 37.10 -21.04 -18.70
C LEU D 19 38.13 -20.69 -19.76
N LYS D 20 38.45 -21.64 -20.64
CA LYS D 20 39.41 -21.36 -21.70
C LYS D 20 38.88 -20.31 -22.67
N MET D 21 37.58 -20.31 -22.92
CA MET D 21 37.02 -19.28 -23.78
C MET D 21 37.06 -17.91 -23.10
N GLU D 22 36.91 -17.89 -21.79
CA GLU D 22 36.96 -16.64 -21.02
C GLU D 22 38.37 -16.12 -20.82
N ALA D 23 39.35 -17.04 -20.86
CA ALA D 23 40.78 -16.77 -20.63
C ALA D 23 41.33 -15.69 -21.57
N ASN D 24 41.13 -15.85 -22.88
CA ASN D 24 41.69 -14.86 -23.85
C ASN D 24 40.69 -13.72 -24.06
N ILE D 25 40.98 -12.56 -23.48
CA ILE D 25 40.11 -11.34 -23.60
C ILE D 25 41.01 -10.11 -23.51
N ASP D 26 40.67 -9.04 -24.24
CA ASP D 26 41.47 -7.79 -24.23
C ASP D 26 41.27 -7.08 -22.88
N ARG D 27 42.34 -6.48 -22.35
CA ARG D 27 42.28 -5.74 -21.06
C ARG D 27 43.00 -4.40 -21.21
N ILE D 28 42.70 -3.42 -20.35
CA ILE D 28 43.37 -2.14 -20.40
C ILE D 28 43.76 -1.77 -18.97
N LYS D 29 44.63 -0.78 -18.87
CA LYS D 29 45.07 -0.31 -17.56
C LYS D 29 43.90 0.32 -16.82
N VAL D 30 44.08 0.55 -15.52
CA VAL D 30 43.02 1.15 -14.73
C VAL D 30 43.04 2.67 -14.80
N SER D 31 44.18 3.27 -15.11
CA SER D 31 44.23 4.72 -15.25
C SER D 31 43.25 5.20 -16.31
N LYS D 32 43.21 4.54 -17.46
CA LYS D 32 42.31 4.99 -18.53
C LYS D 32 40.85 4.81 -18.16
N ALA D 33 40.48 3.68 -17.57
CA ALA D 33 39.09 3.46 -17.20
C ALA D 33 38.62 4.47 -16.17
N ALA D 34 39.44 4.74 -15.15
CA ALA D 34 39.03 5.71 -14.14
C ALA D 34 38.99 7.12 -14.74
N ALA D 35 39.91 7.45 -15.63
CA ALA D 35 39.89 8.75 -16.28
C ALA D 35 38.63 8.95 -17.12
N ASP D 36 38.24 7.94 -17.88
CA ASP D 36 37.02 8.07 -18.68
C ASP D 36 35.79 8.19 -17.81
N LEU D 37 35.74 7.44 -16.72
CA LEU D 37 34.63 7.53 -15.80
C LEU D 37 34.48 8.93 -15.25
N MET D 38 35.57 9.51 -14.75
CA MET D 38 35.48 10.86 -14.19
C MET D 38 35.22 11.92 -15.25
N ALA D 39 35.74 11.76 -16.46
CA ALA D 39 35.47 12.73 -17.53
C ALA D 39 34.00 12.75 -17.89
N TYR D 40 33.38 11.58 -18.03
CA TYR D 40 31.94 11.55 -18.29
C TYR D 40 31.15 12.14 -17.14
N CYS D 41 31.50 11.78 -15.90
CA CYS D 41 30.74 12.32 -14.77
C CYS D 41 30.84 13.83 -14.70
N GLU D 42 31.91 14.40 -15.23
CA GLU D 42 32.15 15.83 -15.15
C GLU D 42 31.63 16.60 -16.35
N ALA D 43 31.51 15.99 -17.52
CA ALA D 43 31.08 16.75 -18.70
C ALA D 43 29.60 17.07 -18.65
N HIS D 44 28.82 16.23 -17.95
CA HIS D 44 27.34 16.42 -17.88
C HIS D 44 26.92 16.80 -16.46
N ALA D 45 27.63 17.74 -15.83
CA ALA D 45 27.24 18.17 -14.49
C ALA D 45 26.17 19.24 -14.48
N LYS D 46 26.06 20.03 -15.55
CA LYS D 46 25.13 21.16 -15.56
C LYS D 46 23.68 20.74 -15.73
N GLU D 47 23.41 19.48 -16.00
CA GLU D 47 22.05 19.03 -16.29
C GLU D 47 21.41 18.27 -15.17
N ASP D 48 22.17 17.73 -14.23
CA ASP D 48 21.59 16.97 -13.14
C ASP D 48 20.76 17.90 -12.27
N PRO D 49 19.47 17.67 -12.14
CA PRO D 49 18.64 18.53 -11.28
C PRO D 49 18.62 18.13 -9.82
N LEU D 50 18.99 16.89 -9.54
CA LEU D 50 19.03 16.44 -8.15
C LEU D 50 20.30 16.91 -7.47
N LEU D 51 21.42 16.91 -8.19
CA LEU D 51 22.68 17.35 -7.61
C LEU D 51 22.68 18.86 -7.36
N THR D 52 22.33 19.63 -8.39
CA THR D 52 22.30 21.11 -8.30
C THR D 52 20.85 21.57 -8.06
N PRO D 53 20.59 22.48 -7.09
CA PRO D 53 19.23 22.97 -6.80
C PRO D 53 18.64 23.75 -7.98
N VAL D 54 17.31 23.70 -8.12
CA VAL D 54 16.60 24.39 -9.25
C VAL D 54 15.49 25.27 -8.67
N PRO D 55 15.03 26.32 -9.41
CA PRO D 55 13.97 27.21 -8.92
C PRO D 55 12.62 26.47 -8.77
N ALA D 56 11.79 26.92 -7.82
CA ALA D 56 10.49 26.29 -7.53
C ALA D 56 9.56 26.36 -8.76
N SER D 57 9.55 27.50 -9.46
CA SER D 57 8.67 27.65 -10.66
C SER D 57 9.07 26.63 -11.73
N GLU D 58 10.37 26.47 -11.97
CA GLU D 58 10.89 25.51 -12.98
C GLU D 58 10.55 24.08 -12.57
N ASN D 59 10.69 23.76 -11.28
CA ASN D 59 10.44 22.39 -10.76
C ASN D 59 8.98 22.00 -11.00
N PRO D 60 8.70 20.82 -11.60
CA PRO D 60 7.32 20.38 -11.84
C PRO D 60 6.53 20.06 -10.56
N PHE D 61 7.20 19.44 -9.59
CA PHE D 61 6.54 19.06 -8.30
C PHE D 61 6.54 20.26 -7.34
N VAL E 2 -18.45 -2.03 -30.90
CA VAL E 2 -19.49 -1.59 -29.92
C VAL E 2 -20.74 -1.14 -30.71
N GLN E 3 -21.92 -1.28 -30.10
CA GLN E 3 -23.18 -0.89 -30.77
C GLN E 3 -24.02 0.03 -29.88
N LEU E 4 -24.50 1.15 -30.44
CA LEU E 4 -25.40 2.09 -29.72
C LEU E 4 -26.71 2.16 -30.51
N VAL E 5 -27.85 1.90 -29.88
CA VAL E 5 -29.16 1.91 -30.60
C VAL E 5 -30.14 2.84 -29.87
N GLU E 6 -30.83 3.70 -30.61
CA GLU E 6 -31.81 4.66 -30.02
C GLU E 6 -33.22 4.32 -30.54
N SER E 7 -34.18 4.16 -29.61
CA SER E 7 -35.58 3.84 -29.98
C SER E 7 -36.52 4.94 -29.47
N GLY E 8 -37.38 5.46 -30.34
CA GLY E 8 -38.32 6.53 -29.97
C GLY E 8 -38.53 7.51 -31.12
N GLY E 9 -39.14 8.66 -30.84
CA GLY E 9 -39.38 9.67 -31.89
C GLY E 9 -40.72 9.48 -32.58
N GLY E 10 -40.98 10.31 -33.61
CA GLY E 10 -42.24 10.28 -34.37
C GLY E 10 -43.00 11.58 -34.20
N LEU E 11 -44.09 11.77 -34.95
CA LEU E 11 -44.88 13.03 -34.85
C LEU E 11 -45.49 13.13 -33.44
N VAL E 12 -45.35 14.29 -32.80
CA VAL E 12 -45.89 14.50 -31.43
C VAL E 12 -46.61 15.86 -31.39
N GLN E 13 -47.81 15.91 -30.79
CA GLN E 13 -48.58 17.17 -30.65
C GLN E 13 -47.87 18.08 -29.65
N PRO E 14 -47.90 19.43 -29.82
CA PRO E 14 -47.22 20.33 -28.90
C PRO E 14 -47.79 20.20 -27.48
N GLY E 15 -46.92 20.24 -26.47
CA GLY E 15 -47.30 20.11 -25.04
C GLY E 15 -47.33 18.65 -24.59
N GLY E 16 -47.03 17.73 -25.51
CA GLY E 16 -47.00 16.29 -25.22
C GLY E 16 -45.70 15.88 -24.53
N SER E 17 -45.69 14.71 -23.89
CA SER E 17 -44.48 14.18 -23.21
C SER E 17 -44.01 12.90 -23.91
N ARG E 18 -42.72 12.83 -24.26
CA ARG E 18 -42.17 11.64 -24.97
C ARG E 18 -40.90 11.17 -24.23
N LYS E 19 -40.56 9.88 -24.36
CA LYS E 19 -39.36 9.30 -23.70
C LYS E 19 -38.47 8.63 -24.75
N LEU E 20 -37.17 8.91 -24.71
CA LEU E 20 -36.18 8.32 -25.66
C LEU E 20 -35.28 7.35 -24.89
N SER E 21 -35.20 6.10 -25.35
CA SER E 21 -34.36 5.07 -24.66
C SER E 21 -33.24 4.59 -25.59
N CYS E 22 -32.00 4.58 -25.09
CA CYS E 22 -30.83 4.13 -25.89
C CYS E 22 -30.18 2.93 -25.18
N SER E 23 -29.92 1.85 -25.92
CA SER E 23 -29.31 0.62 -25.34
C SER E 23 -27.93 0.39 -25.96
N ALA E 24 -26.91 0.21 -25.12
CA ALA E 24 -25.51 0.00 -25.59
C ALA E 24 -25.05 -1.42 -25.24
N SER E 25 -24.34 -2.07 -26.16
CA SER E 25 -23.84 -3.45 -25.93
C SER E 25 -22.46 -3.63 -26.57
N GLY E 26 -21.65 -4.56 -26.05
CA GLY E 26 -20.30 -4.83 -26.57
C GLY E 26 -19.20 -4.06 -25.84
N PHE E 27 -19.54 -3.34 -24.77
CA PHE E 27 -18.54 -2.59 -23.97
C PHE E 27 -19.08 -2.39 -22.54
N ALA E 28 -18.22 -1.96 -21.61
CA ALA E 28 -18.68 -1.76 -20.21
C ALA E 28 -19.35 -0.39 -20.10
N PHE E 29 -20.68 -0.41 -19.96
CA PHE E 29 -21.54 0.81 -19.89
C PHE E 29 -21.26 1.65 -18.63
N SER E 30 -20.99 0.98 -17.50
CA SER E 30 -20.82 1.69 -16.19
C SER E 30 -19.63 2.66 -16.20
N SER E 31 -18.49 2.26 -16.77
CA SER E 31 -17.28 3.13 -16.77
C SER E 31 -17.48 4.43 -17.56
N PHE E 32 -18.09 4.35 -18.75
CA PHE E 32 -18.27 5.54 -19.62
C PHE E 32 -19.38 6.47 -19.12
N GLY E 33 -19.30 7.75 -19.51
CA GLY E 33 -20.32 8.76 -19.17
C GLY E 33 -21.05 9.20 -20.44
N MET E 34 -22.38 9.04 -20.47
CA MET E 34 -23.18 9.35 -21.68
C MET E 34 -23.39 10.85 -21.89
N HIS E 35 -23.67 11.24 -23.13
CA HIS E 35 -23.93 12.65 -23.55
C HIS E 35 -25.13 12.66 -24.51
N TRP E 36 -25.89 13.75 -24.57
CA TRP E 36 -27.02 13.86 -25.52
C TRP E 36 -26.78 15.04 -26.47
N VAL E 37 -26.82 14.81 -27.77
CA VAL E 37 -26.60 15.90 -28.78
C VAL E 37 -27.75 15.87 -29.80
N ARG E 38 -28.33 17.03 -30.10
CA ARG E 38 -29.46 17.11 -31.08
C ARG E 38 -29.04 18.03 -32.23
N GLN E 39 -29.39 17.66 -33.47
CA GLN E 39 -29.03 18.48 -34.65
C GLN E 39 -30.30 18.99 -35.34
N ALA E 40 -30.37 20.31 -35.59
CA ALA E 40 -31.52 20.93 -36.27
C ALA E 40 -31.47 20.61 -37.77
N PRO E 41 -32.60 20.63 -38.51
CA PRO E 41 -32.60 20.30 -39.94
C PRO E 41 -31.74 21.26 -40.78
N GLU E 42 -31.83 22.56 -40.51
CA GLU E 42 -31.06 23.60 -41.27
C GLU E 42 -29.96 24.21 -40.38
N LYS E 43 -29.66 23.60 -39.24
CA LYS E 43 -28.65 24.19 -38.30
C LYS E 43 -27.60 23.14 -37.89
N GLY E 44 -26.49 23.62 -37.32
CA GLY E 44 -25.37 22.78 -36.84
C GLY E 44 -25.70 22.07 -35.54
N LEU E 45 -24.88 21.08 -35.16
CA LEU E 45 -25.09 20.28 -33.93
C LEU E 45 -25.08 21.19 -32.70
N GLU E 46 -25.98 20.91 -31.74
CA GLU E 46 -26.10 21.69 -30.48
C GLU E 46 -26.15 20.71 -29.29
N TRP E 47 -25.34 20.96 -28.25
CA TRP E 47 -25.27 20.10 -27.05
C TRP E 47 -26.58 20.21 -26.26
N VAL E 48 -27.06 19.10 -25.68
CA VAL E 48 -28.36 19.13 -24.92
C VAL E 48 -28.14 18.81 -23.42
N ALA E 49 -27.65 17.62 -23.07
CA ALA E 49 -27.47 17.27 -21.65
C ALA E 49 -26.34 16.26 -21.45
N TYR E 50 -25.79 16.21 -20.22
CA TYR E 50 -24.68 15.26 -19.89
C TYR E 50 -24.95 14.57 -18.55
N ILE E 51 -24.70 13.25 -18.49
CA ILE E 51 -24.86 12.47 -17.22
C ILE E 51 -23.51 11.85 -16.87
N SER E 52 -23.02 12.10 -15.65
CA SER E 52 -21.71 11.57 -15.18
C SER E 52 -21.79 10.08 -14.86
N SER E 53 -20.64 9.39 -14.84
CA SER E 53 -20.62 7.94 -14.52
C SER E 53 -21.02 7.77 -13.05
N GLY E 54 -21.98 6.86 -12.78
CA GLY E 54 -22.47 6.61 -11.41
C GLY E 54 -23.55 7.60 -10.99
N SER E 55 -23.96 8.49 -11.90
CA SER E 55 -24.99 9.55 -11.72
C SER E 55 -24.56 10.59 -10.68
N GLY E 56 -23.25 10.79 -10.49
CA GLY E 56 -22.72 11.76 -9.53
C GLY E 56 -23.02 13.21 -9.90
N THR E 57 -22.86 13.56 -11.18
CA THR E 57 -23.06 14.97 -11.64
C THR E 57 -23.98 15.03 -12.86
N ILE E 58 -24.90 16.01 -12.89
CA ILE E 58 -25.83 16.20 -14.03
C ILE E 58 -25.77 17.67 -14.49
N TYR E 59 -25.67 17.89 -15.81
CA TYR E 59 -25.60 19.26 -16.39
C TYR E 59 -26.66 19.36 -17.49
N TYR E 60 -27.31 20.53 -17.62
CA TYR E 60 -28.36 20.72 -18.66
C TYR E 60 -28.11 22.03 -19.43
N ALA E 61 -28.59 22.09 -20.67
CA ALA E 61 -28.48 23.30 -21.51
C ALA E 61 -29.49 24.36 -21.01
N ASP E 62 -29.22 25.63 -21.25
CA ASP E 62 -30.12 26.73 -20.77
C ASP E 62 -31.50 26.60 -21.43
N THR E 63 -31.53 26.30 -22.73
CA THR E 63 -32.81 26.20 -23.50
C THR E 63 -33.72 25.09 -22.98
N VAL E 64 -33.15 23.91 -22.66
CA VAL E 64 -33.97 22.74 -22.22
C VAL E 64 -33.98 22.64 -20.69
N LYS E 65 -33.38 23.60 -19.99
CA LYS E 65 -33.31 23.53 -18.50
C LYS E 65 -34.71 23.56 -17.89
N GLY E 66 -34.97 22.64 -16.95
CA GLY E 66 -36.22 22.56 -16.16
C GLY E 66 -37.33 21.74 -16.81
N ARG E 67 -37.19 21.31 -18.07
CA ARG E 67 -38.27 20.51 -18.69
C ARG E 67 -37.73 19.16 -19.20
N PHE E 68 -36.43 18.90 -19.02
CA PHE E 68 -35.81 17.64 -19.50
C PHE E 68 -35.16 16.90 -18.32
N THR E 69 -35.41 15.59 -18.20
CA THR E 69 -34.82 14.76 -17.12
C THR E 69 -33.99 13.62 -17.74
N ILE E 70 -32.76 13.43 -17.27
CA ILE E 70 -31.88 12.35 -17.82
C ILE E 70 -31.55 11.34 -16.72
N SER E 71 -31.78 10.05 -16.99
CA SER E 71 -31.49 8.95 -16.02
C SER E 71 -30.89 7.75 -16.76
N ARG E 72 -30.15 6.89 -16.04
CA ARG E 72 -29.54 5.70 -16.68
C ARG E 72 -29.65 4.49 -15.74
N ASP E 73 -29.71 3.28 -16.31
CA ASP E 73 -29.74 2.03 -15.49
C ASP E 73 -28.54 1.16 -15.89
N ASP E 74 -27.64 0.90 -14.95
CA ASP E 74 -26.41 0.09 -15.23
C ASP E 74 -26.79 -1.36 -15.55
N PRO E 75 -27.72 -2.00 -14.81
CA PRO E 75 -28.09 -3.40 -15.06
C PRO E 75 -28.74 -3.63 -16.43
N LYS E 76 -29.62 -2.72 -16.85
CA LYS E 76 -30.33 -2.84 -18.15
C LYS E 76 -29.45 -2.29 -19.30
N ASN E 77 -28.34 -1.64 -18.96
CA ASN E 77 -27.42 -1.05 -19.99
C ASN E 77 -28.20 -0.11 -20.91
N THR E 78 -29.06 0.75 -20.34
CA THR E 78 -29.88 1.68 -21.18
C THR E 78 -29.78 3.12 -20.65
N LEU E 79 -30.01 4.10 -21.55
CA LEU E 79 -29.99 5.55 -21.22
C LEU E 79 -31.36 6.13 -21.59
N PHE E 80 -31.97 6.92 -20.70
CA PHE E 80 -33.33 7.47 -20.99
C PHE E 80 -33.37 9.00 -20.85
N LEU E 81 -34.04 9.66 -21.80
CA LEU E 81 -34.28 11.09 -21.75
C LEU E 81 -35.79 11.30 -21.74
N GLN E 82 -36.26 12.03 -20.75
CA GLN E 82 -37.69 12.31 -20.57
C GLN E 82 -37.94 13.78 -20.89
N MET E 83 -38.83 14.03 -21.85
CA MET E 83 -39.17 15.37 -22.31
C MET E 83 -40.63 15.67 -22.01
N THR E 84 -40.89 16.90 -21.53
CA THR E 84 -42.23 17.34 -21.20
C THR E 84 -42.42 18.78 -21.66
N SER E 85 -43.68 19.14 -21.94
CA SER E 85 -44.05 20.48 -22.40
C SER E 85 -43.26 20.88 -23.65
N LEU E 86 -43.46 20.14 -24.73
CA LEU E 86 -42.66 20.40 -25.90
C LEU E 86 -43.10 21.70 -26.59
N ARG E 87 -42.20 22.22 -27.42
CA ARG E 87 -42.41 23.43 -28.20
C ARG E 87 -42.29 23.11 -29.69
N SER E 88 -42.31 24.16 -30.50
CA SER E 88 -42.28 24.03 -31.94
C SER E 88 -40.87 23.90 -32.51
N GLU E 89 -39.89 24.47 -31.80
CA GLU E 89 -38.47 24.53 -32.28
C GLU E 89 -37.66 23.32 -31.82
N ASP E 90 -38.31 22.29 -31.27
CA ASP E 90 -37.61 21.10 -30.81
C ASP E 90 -37.53 20.01 -31.86
N THR E 91 -38.08 20.25 -33.06
CA THR E 91 -38.03 19.23 -34.14
C THR E 91 -36.57 19.03 -34.53
N ALA E 92 -36.02 17.81 -34.31
CA ALA E 92 -34.59 17.62 -34.53
C ALA E 92 -34.28 16.13 -34.55
N MET E 93 -32.97 15.82 -34.63
CA MET E 93 -32.44 14.43 -34.58
C MET E 93 -31.52 14.34 -33.36
N TYR E 94 -31.70 13.34 -32.49
CA TYR E 94 -30.88 13.21 -31.25
C TYR E 94 -29.89 12.05 -31.37
N TYR E 95 -28.61 12.30 -31.07
CA TYR E 95 -27.53 11.28 -31.17
C TYR E 95 -26.96 10.96 -29.78
N CYS E 96 -26.79 9.67 -29.49
CA CYS E 96 -26.20 9.18 -28.21
C CYS E 96 -24.67 9.22 -28.34
N VAL E 97 -23.96 9.80 -27.36
CA VAL E 97 -22.47 9.90 -27.42
C VAL E 97 -21.88 9.38 -26.11
N ARG E 98 -20.76 8.66 -26.18
CA ARG E 98 -20.09 8.12 -24.96
C ARG E 98 -18.71 8.76 -24.82
N SER E 99 -18.37 9.23 -23.61
CA SER E 99 -17.03 9.83 -23.34
C SER E 99 -16.48 9.32 -22.01
N ILE E 100 -15.18 8.99 -21.97
CA ILE E 100 -14.51 8.50 -20.72
C ILE E 100 -13.39 9.49 -20.37
N TYR E 101 -13.32 9.92 -19.10
CA TYR E 101 -12.29 10.93 -18.72
C TYR E 101 -11.25 10.34 -17.76
N TYR E 102 -9.98 10.36 -18.20
CA TYR E 102 -8.78 9.95 -17.43
C TYR E 102 -7.54 10.53 -18.13
N TYR E 103 -6.39 10.56 -17.47
CA TYR E 103 -5.20 11.18 -18.13
C TYR E 103 -4.83 10.40 -19.40
N GLY E 104 -4.70 11.10 -20.52
CA GLY E 104 -4.33 10.51 -21.82
C GLY E 104 -5.49 9.87 -22.57
N SER E 105 -6.70 9.93 -22.01
CA SER E 105 -7.91 9.32 -22.64
C SER E 105 -8.47 10.24 -23.73
N SER E 106 -9.29 9.69 -24.64
CA SER E 106 -9.91 10.51 -25.71
C SER E 106 -11.44 10.46 -25.59
N PRO E 107 -12.12 11.61 -25.33
CA PRO E 107 -13.59 11.66 -25.22
C PRO E 107 -14.32 11.77 -26.56
N PHE E 108 -15.62 11.45 -26.57
CA PHE E 108 -16.53 11.51 -27.75
C PHE E 108 -16.04 10.60 -28.89
N ASP E 109 -15.45 9.46 -28.54
CA ASP E 109 -14.91 8.51 -29.57
C ASP E 109 -16.02 7.87 -30.42
N PHE E 110 -17.15 7.47 -29.81
CA PHE E 110 -18.22 6.76 -30.58
C PHE E 110 -19.56 7.50 -30.54
N TRP E 111 -20.21 7.61 -31.70
CA TRP E 111 -21.52 8.29 -31.84
C TRP E 111 -22.60 7.26 -32.27
N GLY E 112 -23.69 7.16 -31.50
CA GLY E 112 -24.79 6.23 -31.80
C GLY E 112 -25.68 6.72 -32.93
N GLN E 113 -26.48 5.83 -33.51
CA GLN E 113 -27.40 6.19 -34.63
C GLN E 113 -28.45 7.19 -34.10
N GLY E 114 -28.73 8.23 -34.89
CA GLY E 114 -29.70 9.28 -34.51
C GLY E 114 -31.15 8.89 -34.74
N THR E 115 -32.08 9.61 -34.13
CA THR E 115 -33.55 9.37 -34.29
C THR E 115 -34.22 10.66 -34.74
N THR E 116 -35.49 10.60 -35.15
CA THR E 116 -36.19 11.83 -35.62
C THR E 116 -37.42 12.11 -34.75
N LEU E 117 -37.53 13.34 -34.26
CA LEU E 117 -38.69 13.77 -33.41
C LEU E 117 -39.21 15.10 -33.95
N THR E 118 -40.42 15.09 -34.54
CA THR E 118 -41.01 16.31 -35.13
C THR E 118 -42.35 16.63 -34.44
N VAL E 119 -42.50 17.89 -34.00
CA VAL E 119 -43.76 18.33 -33.33
C VAL E 119 -44.63 19.05 -34.37
N SER E 120 -45.95 18.99 -34.18
CA SER E 120 -46.90 19.61 -35.09
C SER E 120 -47.11 21.10 -34.80
N SER E 136 -19.17 34.65 -20.77
CA SER E 136 -20.51 34.11 -20.85
C SER E 136 -20.45 32.77 -21.58
N ASP E 137 -20.62 32.82 -22.89
CA ASP E 137 -20.56 31.66 -23.75
C ASP E 137 -19.43 31.85 -24.74
N ILE E 138 -18.53 30.86 -24.85
CA ILE E 138 -17.50 30.99 -25.85
C ILE E 138 -18.13 30.88 -27.23
N VAL E 139 -17.86 31.86 -28.08
CA VAL E 139 -18.43 31.96 -29.41
C VAL E 139 -17.36 31.56 -30.41
N MET E 140 -17.58 30.48 -31.16
CA MET E 140 -16.61 30.01 -32.12
C MET E 140 -17.20 30.08 -33.52
N THR E 141 -16.55 30.79 -34.43
CA THR E 141 -17.11 30.97 -35.79
C THR E 141 -16.08 30.67 -36.88
N GLN E 142 -16.51 29.98 -37.94
CA GLN E 142 -15.62 29.66 -39.10
C GLN E 142 -16.10 30.50 -40.29
N ALA E 143 -15.20 31.34 -40.83
CA ALA E 143 -15.52 32.26 -41.94
C ALA E 143 -15.92 31.52 -43.22
N THR E 144 -15.20 30.44 -43.57
CA THR E 144 -15.48 29.70 -44.83
C THR E 144 -16.65 28.74 -44.64
N SER E 145 -17.65 28.81 -45.52
CA SER E 145 -18.83 27.90 -45.47
C SER E 145 -18.67 26.78 -46.50
N SER E 146 -18.33 27.13 -47.73
CA SER E 146 -18.16 26.12 -48.83
C SER E 146 -16.82 26.33 -49.53
N VAL E 147 -16.06 25.24 -49.70
CA VAL E 147 -14.72 25.32 -50.39
C VAL E 147 -14.74 24.33 -51.56
N PRO E 148 -14.34 24.73 -52.79
CA PRO E 148 -14.33 23.85 -53.95
C PRO E 148 -12.94 23.24 -54.19
N VAL E 149 -12.87 21.91 -54.30
CA VAL E 149 -11.59 21.20 -54.54
C VAL E 149 -11.85 19.97 -55.42
N PRO E 151 -9.16 16.21 -56.17
CA PRO E 151 -8.28 15.24 -55.50
C PRO E 151 -6.80 15.50 -55.80
N GLY E 152 -5.95 15.25 -54.80
CA GLY E 152 -4.49 15.47 -54.92
C GLY E 152 -4.09 16.89 -54.56
N GLU E 153 -5.04 17.70 -54.10
CA GLU E 153 -4.77 19.10 -53.70
C GLU E 153 -5.00 19.26 -52.19
N SER E 154 -4.03 19.85 -51.49
CA SER E 154 -4.15 20.05 -50.01
C SER E 154 -5.23 21.10 -49.71
N VAL E 155 -5.89 20.97 -48.55
CA VAL E 155 -6.97 21.91 -48.13
C VAL E 155 -6.66 22.42 -46.71
N SER E 156 -7.08 23.65 -46.41
CA SER E 156 -6.87 24.25 -45.06
C SER E 156 -8.20 24.82 -44.53
N ILE E 157 -8.55 24.46 -43.29
CA ILE E 157 -9.81 24.97 -42.64
C ILE E 157 -9.40 25.68 -41.35
N SER E 158 -9.90 26.91 -41.12
CA SER E 158 -9.53 27.68 -39.91
C SER E 158 -10.77 27.99 -39.06
N CYS E 159 -10.69 27.71 -37.75
CA CYS E 159 -11.80 27.99 -36.79
C CYS E 159 -11.33 29.03 -35.78
N ARG E 160 -12.03 30.18 -35.71
CA ARG E 160 -11.67 31.27 -34.76
C ARG E 160 -12.28 31.00 -33.39
N SER E 161 -11.73 31.61 -32.33
CA SER E 161 -12.26 31.42 -30.95
C SER E 161 -12.50 32.77 -30.26
N SER E 162 -13.55 32.85 -29.45
CA SER E 162 -13.90 34.11 -28.72
C SER E 162 -12.80 34.47 -27.72
N LYS E 163 -12.28 33.47 -27.00
CA LYS E 163 -11.22 33.68 -25.97
C LYS E 163 -10.18 32.58 -26.07
N SER E 164 -8.98 32.80 -25.51
CA SER E 164 -7.89 31.79 -25.57
C SER E 164 -8.35 30.51 -24.87
N LEU E 165 -8.10 29.36 -25.49
CA LEU E 165 -8.50 28.03 -24.94
C LEU E 165 -7.29 27.36 -24.28
N LEU E 166 -6.16 28.05 -24.18
CA LEU E 166 -4.95 27.45 -23.57
C LEU E 166 -5.01 27.60 -22.05
N HIS E 167 -5.04 26.46 -21.34
CA HIS E 167 -5.13 26.43 -19.85
C HIS E 167 -3.74 26.60 -19.22
N SER E 168 -3.69 26.76 -17.90
CA SER E 168 -2.43 26.95 -17.12
C SER E 168 -1.54 25.71 -17.27
N ASN E 169 -2.15 24.52 -17.30
CA ASN E 169 -1.44 23.21 -17.43
C ASN E 169 -0.71 23.07 -18.79
N GLY E 170 -1.15 23.78 -19.83
CA GLY E 170 -0.51 23.70 -21.15
C GLY E 170 -1.30 22.86 -22.14
N ASN E 171 -2.52 22.47 -21.76
CA ASN E 171 -3.41 21.65 -22.64
C ASN E 171 -4.48 22.56 -23.26
N THR E 172 -4.57 22.59 -24.59
CA THR E 172 -5.60 23.43 -25.27
C THR E 172 -6.71 22.48 -25.73
N TYR E 173 -7.95 22.75 -25.34
CA TYR E 173 -9.05 21.82 -25.70
C TYR E 173 -9.78 22.27 -26.97
N LEU E 174 -9.50 21.58 -28.08
CA LEU E 174 -10.16 21.82 -29.39
C LEU E 174 -10.45 20.46 -30.03
N TYR E 175 -11.65 20.25 -30.56
CA TYR E 175 -12.00 18.95 -31.18
C TYR E 175 -12.52 19.16 -32.60
N TRP E 176 -12.06 18.34 -33.55
CA TRP E 176 -12.52 18.43 -34.96
C TRP E 176 -13.35 17.19 -35.29
N PHE E 177 -14.57 17.38 -35.80
CA PHE E 177 -15.47 16.25 -36.16
C PHE E 177 -15.81 16.33 -37.65
N LEU E 178 -15.75 15.19 -38.35
CA LEU E 178 -16.09 15.14 -39.80
C LEU E 178 -17.34 14.27 -39.98
N GLN E 179 -18.35 14.80 -40.67
CA GLN E 179 -19.61 14.04 -40.89
C GLN E 179 -19.82 13.81 -42.39
N ARG E 180 -19.89 12.54 -42.82
CA ARG E 180 -20.12 12.18 -44.24
C ARG E 180 -21.60 12.34 -44.56
N PRO E 181 -22.02 12.49 -45.84
CA PRO E 181 -23.44 12.67 -46.16
C PRO E 181 -24.23 11.44 -45.69
N GLY E 182 -25.36 11.68 -45.02
CA GLY E 182 -26.23 10.60 -44.49
C GLY E 182 -25.49 9.66 -43.55
N GLN E 183 -24.60 10.19 -42.71
CA GLN E 183 -23.82 9.35 -41.75
C GLN E 183 -23.60 10.12 -40.44
N SER E 184 -23.36 9.38 -39.35
CA SER E 184 -23.08 9.99 -38.03
C SER E 184 -21.67 10.60 -38.02
N PRO E 185 -21.43 11.76 -37.37
CA PRO E 185 -20.10 12.38 -37.33
C PRO E 185 -19.10 11.54 -36.54
N GLN E 186 -17.82 11.59 -36.93
CA GLN E 186 -16.76 10.80 -36.24
C GLN E 186 -15.61 11.72 -35.81
N LEU E 187 -14.94 11.41 -34.70
CA LEU E 187 -13.82 12.21 -34.17
C LEU E 187 -12.60 12.08 -35.09
N LEU E 188 -11.91 13.19 -35.37
CA LEU E 188 -10.69 13.16 -36.22
C LEU E 188 -9.46 13.53 -35.38
N ILE E 189 -9.49 14.71 -34.75
CA ILE E 189 -8.34 15.20 -33.93
C ILE E 189 -8.84 15.64 -32.55
N TYR E 190 -8.15 15.22 -31.48
CA TYR E 190 -8.54 15.63 -30.10
C TYR E 190 -7.37 16.40 -29.47
N ARG E 191 -7.68 17.57 -28.92
CA ARG E 191 -6.76 18.55 -28.24
C ARG E 191 -5.93 19.33 -29.27
N MET E 192 -6.33 19.27 -30.55
CA MET E 192 -5.78 20.00 -31.74
C MET E 192 -4.43 19.42 -32.22
N SER E 193 -3.94 18.34 -31.62
CA SER E 193 -2.64 17.76 -32.06
C SER E 193 -2.75 16.25 -32.30
N ASN E 194 -3.29 15.53 -31.31
CA ASN E 194 -3.39 14.04 -31.34
C ASN E 194 -4.36 13.57 -32.44
N LEU E 195 -4.12 12.37 -32.97
CA LEU E 195 -4.95 11.75 -34.03
C LEU E 195 -5.71 10.56 -33.44
N ALA E 196 -7.02 10.49 -33.70
CA ALA E 196 -7.86 9.39 -33.18
C ALA E 196 -7.51 8.06 -33.87
N SER E 197 -7.71 6.94 -33.17
CA SER E 197 -7.38 5.60 -33.71
C SER E 197 -8.25 5.28 -34.94
N GLY E 198 -7.67 4.64 -35.95
CA GLY E 198 -8.40 4.28 -37.18
C GLY E 198 -8.48 5.44 -38.17
N VAL E 199 -7.74 6.52 -37.91
CA VAL E 199 -7.74 7.73 -38.79
C VAL E 199 -6.44 7.76 -39.58
N PRO E 200 -6.46 8.01 -40.92
CA PRO E 200 -5.26 8.05 -41.73
C PRO E 200 -4.30 9.18 -41.31
N ASP E 201 -2.99 8.96 -41.51
CA ASP E 201 -1.90 9.88 -41.10
C ASP E 201 -1.89 11.19 -41.92
N ARG E 202 -2.53 11.24 -43.09
CA ARG E 202 -2.51 12.45 -43.93
C ARG E 202 -3.12 13.65 -43.18
N PHE E 203 -4.19 13.44 -42.40
CA PHE E 203 -4.82 14.55 -41.64
C PHE E 203 -3.81 15.09 -40.61
N SER E 204 -3.74 16.42 -40.47
CA SER E 204 -2.81 17.04 -39.50
C SER E 204 -3.49 18.24 -38.79
N GLY E 205 -3.09 18.52 -37.55
CA GLY E 205 -3.67 19.65 -36.79
C GLY E 205 -2.60 20.54 -36.18
N SER E 206 -2.72 21.86 -36.36
CA SER E 206 -1.77 22.84 -35.79
C SER E 206 -2.56 23.99 -35.16
N GLY E 207 -2.06 24.62 -34.09
CA GLY E 207 -2.84 25.70 -33.47
C GLY E 207 -2.03 26.66 -32.61
N SER E 208 -2.64 27.80 -32.30
CA SER E 208 -2.10 28.88 -31.42
C SER E 208 -3.26 29.45 -30.59
N GLY E 209 -2.99 30.22 -29.54
CA GLY E 209 -4.16 30.73 -28.79
C GLY E 209 -5.03 31.62 -29.67
N THR E 210 -6.32 31.28 -29.75
CA THR E 210 -7.42 31.98 -30.48
C THR E 210 -7.41 31.72 -31.99
N ALA E 211 -6.43 30.97 -32.52
CA ALA E 211 -6.42 30.67 -33.97
C ALA E 211 -6.08 29.20 -34.22
N PHE E 212 -6.99 28.45 -34.84
CA PHE E 212 -6.76 27.00 -35.10
C PHE E 212 -6.97 26.68 -36.58
N THR E 213 -6.02 25.96 -37.19
CA THR E 213 -6.13 25.59 -38.63
C THR E 213 -5.97 24.07 -38.81
N LEU E 214 -6.87 23.45 -39.58
CA LEU E 214 -6.78 21.99 -39.86
C LEU E 214 -6.30 21.82 -41.30
N THR E 215 -5.17 21.13 -41.49
CA THR E 215 -4.59 20.96 -42.86
C THR E 215 -4.64 19.49 -43.28
N ILE E 216 -5.26 19.22 -44.43
CA ILE E 216 -5.36 17.84 -45.00
C ILE E 216 -4.64 17.83 -46.35
N SER E 217 -3.78 16.83 -46.59
CA SER E 217 -3.00 16.74 -47.85
C SER E 217 -3.29 15.42 -48.57
N ARG E 218 -3.03 15.36 -49.87
CA ARG E 218 -3.29 14.15 -50.70
C ARG E 218 -4.77 13.75 -50.56
N LEU E 219 -5.67 14.73 -50.68
CA LEU E 219 -7.12 14.50 -50.53
C LEU E 219 -7.58 13.49 -51.58
N GLU E 220 -8.42 12.54 -51.17
CA GLU E 220 -8.93 11.49 -52.09
C GLU E 220 -10.46 11.45 -52.02
N ALA E 221 -11.09 10.58 -52.82
CA ALA E 221 -12.56 10.44 -52.85
C ALA E 221 -13.09 9.85 -51.53
N GLU E 222 -14.31 10.28 -51.15
CA GLU E 222 -15.10 9.92 -49.93
C GLU E 222 -14.62 10.76 -48.73
N ASP E 223 -13.71 11.71 -48.96
CA ASP E 223 -13.21 12.61 -47.89
C ASP E 223 -14.12 13.84 -47.81
N VAL E 224 -15.03 13.98 -48.78
CA VAL E 224 -15.99 15.13 -48.82
C VAL E 224 -16.93 15.02 -47.62
N GLY E 225 -17.21 16.16 -46.96
CA GLY E 225 -18.08 16.19 -45.78
C GLY E 225 -18.10 17.55 -45.12
N VAL E 226 -18.72 17.64 -43.93
CA VAL E 226 -18.79 18.92 -43.17
C VAL E 226 -17.92 18.79 -41.90
N TYR E 227 -17.09 19.79 -41.63
CA TYR E 227 -16.17 19.77 -40.45
C TYR E 227 -16.63 20.77 -39.40
N TYR E 228 -16.74 20.32 -38.14
CA TYR E 228 -17.19 21.18 -37.01
C TYR E 228 -16.10 21.26 -35.93
N CYS E 229 -15.82 22.47 -35.43
CA CYS E 229 -14.81 22.66 -34.35
C CYS E 229 -15.55 22.88 -33.03
N MET E 230 -15.23 22.08 -32.00
CA MET E 230 -15.90 22.16 -30.69
C MET E 230 -14.88 22.43 -29.57
N GLN E 231 -15.21 23.34 -28.65
CA GLN E 231 -14.33 23.67 -27.50
C GLN E 231 -14.86 22.97 -26.25
N HIS E 232 -14.00 22.25 -25.53
CA HIS E 232 -14.39 21.51 -24.30
C HIS E 232 -13.82 22.20 -23.05
N LEU E 233 -13.40 23.47 -23.18
CA LEU E 233 -12.77 24.17 -22.02
C LEU E 233 -13.77 24.28 -20.85
N GLU E 234 -15.03 24.63 -21.13
CA GLU E 234 -16.03 24.72 -20.03
C GLU E 234 -17.45 24.57 -20.58
N TYR E 235 -18.39 24.17 -19.71
CA TYR E 235 -19.82 24.01 -20.07
C TYR E 235 -20.48 25.38 -20.20
N PRO E 236 -21.54 25.54 -21.03
CA PRO E 236 -21.94 24.52 -22.01
C PRO E 236 -21.01 24.47 -23.22
N LEU E 237 -20.80 23.28 -23.78
CA LEU E 237 -19.95 23.10 -24.99
C LEU E 237 -20.67 23.73 -26.18
N THR E 238 -19.96 24.50 -27.01
CA THR E 238 -20.61 25.14 -28.18
C THR E 238 -19.91 24.70 -29.48
N PHE E 239 -20.68 24.18 -30.44
CA PHE E 239 -20.15 23.71 -31.74
C PHE E 239 -19.98 24.88 -32.71
N GLY E 240 -19.11 24.70 -33.71
CA GLY E 240 -18.85 25.71 -34.76
C GLY E 240 -19.93 25.68 -35.83
N ALA E 241 -19.98 26.71 -36.68
CA ALA E 241 -20.99 26.79 -37.76
C ALA E 241 -20.78 25.61 -38.73
N GLY E 242 -19.52 25.28 -39.03
CA GLY E 242 -19.19 24.16 -39.92
C GLY E 242 -18.83 24.61 -41.32
N THR E 243 -17.99 23.83 -42.01
CA THR E 243 -17.53 24.12 -43.40
C THR E 243 -17.88 22.94 -44.31
N LYS E 244 -18.44 23.22 -45.49
CA LYS E 244 -18.85 22.15 -46.44
C LYS E 244 -17.82 22.02 -47.57
N LEU E 245 -17.37 20.80 -47.86
CA LEU E 245 -16.39 20.54 -48.94
C LEU E 245 -17.10 19.91 -50.13
N GLU E 246 -16.86 20.46 -51.34
CA GLU E 246 -17.49 19.94 -52.59
C GLU E 246 -16.41 19.69 -53.63
N LEU E 247 -16.65 18.76 -54.57
CA LEU E 247 -15.66 18.44 -55.63
C LEU E 247 -15.58 19.61 -56.61
#